data_5MUS
#
_entry.id   5MUS
#
_cell.length_a   76.392
_cell.length_b   76.942
_cell.length_c   116.920
_cell.angle_alpha   90.00
_cell.angle_beta   90.00
_cell.angle_gamma   90.00
#
_symmetry.space_group_name_H-M   'P 21 21 21'
#
loop_
_entity.id
_entity.type
_entity.pdbx_description
1 polymer 'L protein'
2 non-polymer GLYCEROL
3 non-polymer 'CHLORIDE ION'
4 water water
#
_entity_poly.entity_id   1
_entity_poly.type   'polypeptide(L)'
_entity_poly.pdbx_seq_one_letter_code
;GPTAVQELNRICDG(MSE)ILSSILRPQ(MSE)VEPSLIGDVLKTEPFTSSLEVLKDIKVSGL(MSE)RYIKQVLLGRKS
YYKFGEEHADGDQNLFDYQFTGTPEEPIKGYWTTTISYRDSKPKISLTIRQEFVEGGVESQAVLATVVGRPHLQDFLLLK
RKHLEYSDYPESIDLIEFGDVKVIEKTVGHGQPVVLY(MSE)ASLFPIGLTKIAEQGIGCHNEKNDATLKSLLKTAILN
(MSE)TPDDVSLLPRSKLDAIDHVVRNVYLRFNNSSAVSYGLHKLQSFEKILQLNGRIYETKESTLVFHHKKGVLVEDLK
GL(MSE)SYKTLRVSEWREKQEPEEARVEVLEE
;
_entity_poly.pdbx_strand_id   A,B
#
# COMPACT_ATOMS: atom_id res chain seq x y z
N PRO A 2 13.18 -29.19 3.51
CA PRO A 2 12.72 -27.92 4.09
C PRO A 2 13.37 -27.63 5.44
N THR A 3 13.07 -26.47 5.99
CA THR A 3 13.56 -26.07 7.29
C THR A 3 12.46 -26.25 8.35
N ALA A 4 12.79 -25.93 9.59
CA ALA A 4 11.77 -25.97 10.64
C ALA A 4 10.67 -24.97 10.34
N VAL A 5 11.04 -23.77 9.83
CA VAL A 5 10.06 -22.75 9.46
C VAL A 5 9.11 -23.27 8.40
N GLN A 6 9.66 -23.90 7.36
CA GLN A 6 8.80 -24.43 6.32
C GLN A 6 7.91 -25.55 6.86
N GLU A 7 8.47 -26.40 7.72
CA GLU A 7 7.67 -27.49 8.28
C GLU A 7 6.52 -26.98 9.14
N LEU A 8 6.81 -26.04 10.05
CA LEU A 8 5.77 -25.39 10.83
C LEU A 8 4.67 -24.84 9.92
N ASN A 9 5.06 -24.14 8.85
CA ASN A 9 4.10 -23.64 7.86
C ASN A 9 3.24 -24.77 7.29
N ARG A 10 3.87 -25.88 6.91
CA ARG A 10 3.12 -26.95 6.30
C ARG A 10 2.13 -27.58 7.26
N ILE A 11 2.52 -27.69 8.53
CA ILE A 11 1.58 -28.23 9.53
C ILE A 11 0.41 -27.28 9.70
N CYS A 12 0.68 -25.98 9.75
CA CYS A 12 -0.38 -25.00 9.89
C CYS A 12 -1.29 -25.00 8.66
N ASP A 13 -0.69 -25.08 7.47
CA ASP A 13 -1.48 -25.22 6.24
C ASP A 13 -2.35 -26.46 6.29
N GLY A 14 -1.81 -27.58 6.77
CA GLY A 14 -2.60 -28.80 6.84
C GLY A 14 -3.84 -28.68 7.72
N ILE A 16 -5.49 -25.62 8.52
CA ILE A 16 -6.35 -24.76 7.72
C ILE A 16 -7.05 -25.57 6.64
N LEU A 17 -6.29 -26.42 5.92
CA LEU A 17 -6.86 -27.14 4.80
C LEU A 17 -7.86 -28.19 5.28
N SER A 18 -7.57 -28.88 6.38
CA SER A 18 -8.52 -29.85 6.89
C SER A 18 -9.80 -29.19 7.41
N SER A 19 -9.72 -27.91 7.79
CA SER A 19 -10.90 -27.21 8.29
C SER A 19 -11.87 -26.78 7.18
N ILE A 20 -11.51 -26.96 5.91
CA ILE A 20 -12.37 -26.50 4.83
C ILE A 20 -13.59 -27.40 4.71
N LEU A 21 -13.40 -28.70 4.91
CA LEU A 21 -14.48 -29.67 4.83
C LEU A 21 -14.90 -30.24 6.17
N ARG A 22 -14.09 -30.06 7.22
CA ARG A 22 -14.27 -30.79 8.46
C ARG A 22 -13.94 -29.89 9.65
N PRO A 23 -14.95 -29.35 10.33
CA PRO A 23 -14.68 -28.62 11.57
C PRO A 23 -13.92 -29.50 12.56
N GLN A 24 -12.96 -28.90 13.26
CA GLN A 24 -12.23 -29.68 14.24
C GLN A 24 -11.81 -28.83 15.42
N VAL A 26 -9.52 -27.39 18.17
CA VAL A 26 -8.10 -27.08 18.19
C VAL A 26 -7.55 -27.64 19.50
N GLU A 27 -6.99 -28.84 19.43
CA GLU A 27 -6.41 -29.51 20.57
C GLU A 27 -5.27 -30.38 20.04
N PRO A 28 -4.40 -30.90 20.93
CA PRO A 28 -3.15 -31.54 20.44
C PRO A 28 -3.31 -32.65 19.40
N SER A 29 -4.36 -33.47 19.49
CA SER A 29 -4.43 -34.60 18.56
C SER A 29 -4.70 -34.17 17.12
N LEU A 30 -5.25 -32.97 16.92
CA LEU A 30 -5.34 -32.45 15.55
C LEU A 30 -3.95 -32.23 14.95
N ILE A 31 -3.03 -31.69 15.77
CA ILE A 31 -1.66 -31.48 15.29
C ILE A 31 -0.98 -32.83 15.13
N GLY A 32 -1.22 -33.75 16.05
CA GLY A 32 -0.73 -35.12 15.88
C GLY A 32 -1.18 -35.74 14.57
N ASP A 33 -2.46 -35.61 14.24
CA ASP A 33 -2.94 -36.19 13.00
C ASP A 33 -2.35 -35.49 11.77
N VAL A 34 -2.16 -34.17 11.82
CA VAL A 34 -1.53 -33.50 10.68
C VAL A 34 -0.08 -33.96 10.52
N LEU A 35 0.63 -34.13 11.65
CA LEU A 35 2.03 -34.59 11.64
C LEU A 35 2.22 -35.87 10.83
N LYS A 36 1.19 -36.70 10.69
CA LYS A 36 1.28 -37.89 9.85
C LYS A 36 1.65 -37.52 8.41
N THR A 37 1.01 -36.50 7.84
CA THR A 37 1.35 -36.13 6.47
C THR A 37 2.50 -35.14 6.41
N GLU A 38 2.57 -34.19 7.35
CA GLU A 38 3.57 -33.13 7.38
C GLU A 38 4.38 -33.27 8.65
N PRO A 39 5.38 -34.15 8.67
CA PRO A 39 6.13 -34.38 9.90
C PRO A 39 7.04 -33.20 10.19
N PHE A 40 7.45 -33.11 11.44
CA PHE A 40 8.40 -32.09 11.87
C PHE A 40 9.71 -32.81 12.15
N THR A 41 10.74 -32.52 11.34
CA THR A 41 11.98 -33.28 11.37
C THR A 41 13.15 -32.52 11.97
N SER A 42 13.04 -31.20 12.12
CA SER A 42 14.04 -30.46 12.86
C SER A 42 13.94 -30.80 14.34
N SER A 43 14.94 -30.38 15.11
CA SER A 43 14.94 -30.71 16.53
C SER A 43 14.18 -29.66 17.34
N LEU A 44 13.70 -30.09 18.50
CA LEU A 44 12.92 -29.19 19.33
C LEU A 44 13.71 -27.96 19.75
N GLU A 45 15.04 -28.09 19.86
CA GLU A 45 15.85 -26.94 20.28
C GLU A 45 15.73 -25.80 19.28
N VAL A 46 15.86 -26.09 17.99
CA VAL A 46 15.70 -25.03 16.99
C VAL A 46 14.33 -24.40 17.09
N LEU A 47 13.30 -25.21 17.40
CA LEU A 47 11.93 -24.68 17.50
C LEU A 47 11.85 -23.53 18.50
N LYS A 48 12.63 -23.60 19.57
CA LYS A 48 12.52 -22.61 20.64
C LYS A 48 13.00 -21.22 20.22
N ASP A 49 13.89 -21.15 19.22
CA ASP A 49 14.35 -19.85 18.71
C ASP A 49 13.35 -19.18 17.77
N ILE A 50 12.34 -19.90 17.30
CA ILE A 50 11.40 -19.38 16.31
C ILE A 50 10.24 -18.71 17.03
N LYS A 51 10.08 -17.40 16.81
CA LYS A 51 9.08 -16.62 17.52
C LYS A 51 7.87 -16.48 16.60
N VAL A 52 6.73 -17.02 17.04
CA VAL A 52 5.53 -17.07 16.20
C VAL A 52 4.32 -16.72 17.05
N SER A 53 3.18 -16.52 16.38
CA SER A 53 1.91 -16.29 17.04
C SER A 53 0.87 -17.17 16.36
N GLY A 54 -0.38 -17.01 16.77
CA GLY A 54 -1.49 -17.71 16.16
C GLY A 54 -1.35 -19.22 16.29
N LEU A 55 -1.94 -19.93 15.33
CA LEU A 55 -1.84 -21.39 15.28
C LEU A 55 -0.40 -21.88 15.12
N ARG A 57 2.14 -20.72 16.60
CA ARG A 57 2.64 -20.82 17.96
C ARG A 57 1.98 -21.96 18.71
N TYR A 58 0.68 -22.19 18.46
CA TYR A 58 0.04 -23.32 19.10
C TYR A 58 0.70 -24.63 18.66
N ILE A 59 0.96 -24.79 17.35
CA ILE A 59 1.66 -25.98 16.87
C ILE A 59 3.02 -26.10 17.56
N LYS A 60 3.79 -25.01 17.55
CA LYS A 60 5.08 -24.99 18.24
C LYS A 60 4.92 -25.52 19.67
N GLN A 61 3.92 -25.00 20.40
CA GLN A 61 3.75 -25.42 21.79
C GLN A 61 3.40 -26.89 21.89
N VAL A 62 2.56 -27.40 20.98
CA VAL A 62 2.20 -28.81 21.05
C VAL A 62 3.44 -29.67 20.77
N LEU A 63 4.26 -29.27 19.80
CA LEU A 63 5.50 -30.00 19.53
C LEU A 63 6.44 -29.97 20.73
N LEU A 64 6.39 -28.90 21.51
CA LEU A 64 7.20 -28.83 22.71
C LEU A 64 6.54 -29.50 23.91
N GLY A 65 5.34 -30.06 23.75
CA GLY A 65 4.74 -30.85 24.79
C GLY A 65 3.44 -30.33 25.39
N ARG A 66 2.95 -29.18 24.96
CA ARG A 66 1.67 -28.70 25.45
C ARG A 66 0.60 -29.77 25.22
N LYS A 67 -0.16 -30.06 26.27
CA LYS A 67 -1.26 -31.02 26.19
C LYS A 67 -2.64 -30.38 26.28
N SER A 68 -2.73 -29.11 26.66
CA SER A 68 -4.04 -28.49 26.79
C SER A 68 -4.53 -27.99 25.44
N TYR A 69 -5.84 -27.90 25.32
CA TYR A 69 -6.48 -27.34 24.14
C TYR A 69 -6.19 -25.84 24.06
N TYR A 70 -6.33 -25.29 22.86
CA TYR A 70 -6.15 -23.86 22.64
C TYR A 70 -7.32 -23.10 23.27
N LYS A 71 -7.01 -22.01 23.97
CA LYS A 71 -8.01 -21.25 24.74
C LYS A 71 -8.21 -19.88 24.12
N PHE A 72 -9.45 -19.59 23.73
CA PHE A 72 -9.74 -18.31 23.07
C PHE A 72 -9.36 -17.15 23.97
N GLY A 73 -8.55 -16.25 23.43
CA GLY A 73 -8.03 -15.12 24.17
C GLY A 73 -6.69 -15.34 24.84
N GLU A 74 -6.09 -16.52 24.70
CA GLU A 74 -4.81 -16.72 25.35
C GLU A 74 -3.69 -15.89 24.74
N GLU A 75 -3.87 -15.34 23.54
CA GLU A 75 -2.83 -14.54 22.89
C GLU A 75 -2.95 -13.05 23.17
N HIS A 76 -3.87 -12.65 24.04
CA HIS A 76 -4.11 -11.24 24.29
C HIS A 76 -2.86 -10.54 24.77
N ALA A 77 -2.48 -9.46 24.11
CA ALA A 77 -1.30 -8.70 24.47
C ALA A 77 -1.61 -7.22 24.35
N ASP A 78 -1.25 -6.44 25.38
CA ASP A 78 -1.35 -4.98 25.26
C ASP A 78 -0.39 -4.44 24.21
N GLY A 79 0.74 -5.12 24.01
CA GLY A 79 1.74 -4.63 23.09
C GLY A 79 2.76 -3.73 23.78
N ASP A 80 3.73 -3.26 23.01
CA ASP A 80 4.67 -2.27 23.51
C ASP A 80 4.14 -0.90 23.16
N GLN A 81 3.84 -0.09 24.18
CA GLN A 81 3.28 1.22 23.91
C GLN A 81 4.32 2.23 23.48
N ASN A 82 5.58 1.81 23.26
CA ASN A 82 6.58 2.69 22.69
C ASN A 82 7.21 2.10 21.42
N LEU A 83 6.60 1.06 20.84
CA LEU A 83 6.99 0.55 19.52
C LEU A 83 5.76 0.56 18.61
N PHE A 84 5.93 1.02 17.38
CA PHE A 84 4.82 1.31 16.51
C PHE A 84 5.01 0.67 15.14
N ASP A 85 3.91 0.20 14.56
CA ASP A 85 3.90 -0.29 13.19
C ASP A 85 3.20 0.74 12.31
N TYR A 86 3.70 0.91 11.08
CA TYR A 86 3.16 1.91 10.16
C TYR A 86 2.62 1.22 8.92
N GLN A 87 1.32 1.37 8.66
CA GLN A 87 0.71 0.86 7.44
C GLN A 87 0.20 2.06 6.65
N PHE A 88 0.57 2.12 5.36
CA PHE A 88 0.10 3.25 4.55
C PHE A 88 -0.43 2.76 3.22
N THR A 89 -1.43 3.49 2.72
CA THR A 89 -2.13 3.16 1.47
C THR A 89 -2.26 4.48 0.73
N GLY A 90 -1.34 4.75 -0.20
CA GLY A 90 -1.22 6.07 -0.77
C GLY A 90 -0.51 7.01 0.18
N THR A 91 -0.12 8.18 -0.34
CA THR A 91 0.60 9.19 0.44
C THR A 91 0.12 10.58 0.03
N PRO A 92 0.49 11.63 0.78
CA PRO A 92 0.17 12.99 0.30
C PRO A 92 0.92 13.37 -0.96
N GLU A 93 2.18 12.94 -1.13
CA GLU A 93 2.89 13.13 -2.40
C GLU A 93 2.22 12.34 -3.53
N GLU A 94 1.76 11.12 -3.26
CA GLU A 94 1.19 10.24 -4.28
C GLU A 94 -0.10 9.60 -3.78
N PRO A 95 -1.19 10.36 -3.71
CA PRO A 95 -2.46 9.76 -3.30
C PRO A 95 -2.92 8.72 -4.30
N ILE A 96 -3.75 7.82 -3.82
CA ILE A 96 -4.43 6.84 -4.67
C ILE A 96 -5.84 7.35 -4.89
N LYS A 97 -6.10 7.81 -6.12
CA LYS A 97 -7.39 8.38 -6.50
C LYS A 97 -7.83 9.45 -5.51
N GLY A 98 -6.89 10.30 -5.11
CA GLY A 98 -7.14 11.40 -4.20
C GLY A 98 -7.10 11.05 -2.73
N TYR A 99 -6.97 9.77 -2.38
CA TYR A 99 -6.98 9.30 -1.01
C TYR A 99 -5.59 8.88 -0.57
N TRP A 100 -5.28 9.10 0.71
CA TRP A 100 -4.18 8.39 1.35
C TRP A 100 -4.60 8.03 2.77
N THR A 101 -4.21 6.83 3.20
CA THR A 101 -4.61 6.27 4.48
C THR A 101 -3.37 5.84 5.22
N THR A 102 -3.34 6.07 6.52
CA THR A 102 -2.22 5.69 7.37
C THR A 102 -2.77 5.06 8.63
N THR A 103 -2.24 3.91 9.01
CA THR A 103 -2.60 3.25 10.25
C THR A 103 -1.35 3.07 11.08
N ILE A 104 -1.35 3.60 12.30
CA ILE A 104 -0.27 3.38 13.26
C ILE A 104 -0.82 2.59 14.42
N SER A 105 -0.09 1.54 14.83
CA SER A 105 -0.58 0.66 15.87
C SER A 105 0.52 0.36 16.86
N TYR A 106 0.12 -0.10 18.06
CA TYR A 106 1.07 -0.57 19.06
C TYR A 106 1.66 -1.89 18.60
N ARG A 107 3.00 -1.96 18.54
CA ARG A 107 3.68 -3.20 18.17
C ARG A 107 3.25 -4.35 19.08
N ASP A 108 2.91 -5.47 18.46
CA ASP A 108 2.60 -6.71 19.15
C ASP A 108 1.34 -6.63 20.01
N SER A 109 0.44 -5.67 19.76
CA SER A 109 -0.85 -5.70 20.44
C SER A 109 -1.74 -6.73 19.76
N LYS A 110 -2.45 -7.52 20.57
CA LYS A 110 -3.48 -8.44 20.08
C LYS A 110 -4.63 -8.49 21.08
N PRO A 111 -5.84 -8.07 20.66
CA PRO A 111 -6.14 -7.45 19.36
C PRO A 111 -5.33 -6.18 19.12
N LYS A 112 -5.06 -5.90 17.87
CA LYS A 112 -4.25 -4.74 17.51
C LYS A 112 -4.97 -3.46 17.91
N ILE A 113 -4.24 -2.54 18.55
CA ILE A 113 -4.77 -1.23 18.90
C ILE A 113 -4.18 -0.23 17.92
N SER A 114 -5.03 0.38 17.11
CA SER A 114 -4.53 1.19 16.00
C SER A 114 -5.40 2.42 15.79
N LEU A 115 -4.78 3.48 15.28
CA LEU A 115 -5.50 4.65 14.80
C LEU A 115 -5.30 4.74 13.29
N THR A 116 -6.38 4.60 12.55
CA THR A 116 -6.37 4.76 11.11
C THR A 116 -6.98 6.11 10.74
N ILE A 117 -6.31 6.81 9.83
CA ILE A 117 -6.72 8.13 9.37
C ILE A 117 -6.76 8.09 7.85
N ARG A 118 -7.95 8.09 7.28
CA ARG A 118 -8.12 8.21 5.84
C ARG A 118 -8.34 9.66 5.47
N GLN A 119 -7.66 10.11 4.43
CA GLN A 119 -7.68 11.51 4.06
C GLN A 119 -7.81 11.66 2.57
N GLU A 120 -8.36 12.81 2.16
CA GLU A 120 -8.66 13.09 0.75
C GLU A 120 -8.60 14.59 0.50
N PHE A 121 -8.04 14.96 -0.66
CA PHE A 121 -8.02 16.34 -1.11
C PHE A 121 -9.34 16.66 -1.78
N VAL A 122 -10.10 17.59 -1.21
CA VAL A 122 -11.36 18.04 -1.78
C VAL A 122 -11.38 19.56 -1.74
N GLU A 123 -11.87 20.18 -2.80
CA GLU A 123 -11.98 21.62 -2.91
C GLU A 123 -12.54 22.19 -1.60
N GLY A 124 -11.75 23.01 -0.90
CA GLY A 124 -10.36 23.25 -1.26
C GLY A 124 -9.43 22.93 -0.11
N GLY A 125 -9.73 21.83 0.59
CA GLY A 125 -8.97 21.42 1.74
C GLY A 125 -8.83 19.91 1.85
N VAL A 126 -8.78 19.40 3.07
CA VAL A 126 -8.61 17.96 3.31
C VAL A 126 -9.78 17.47 4.15
N GLU A 127 -10.42 16.38 3.72
CA GLU A 127 -11.43 15.68 4.51
C GLU A 127 -10.79 14.45 5.15
N SER A 128 -10.92 14.34 6.47
CA SER A 128 -10.31 13.27 7.24
C SER A 128 -11.37 12.40 7.91
N GLN A 129 -11.08 11.10 7.99
CA GLN A 129 -11.90 10.15 8.74
C GLN A 129 -10.96 9.33 9.59
N ALA A 130 -11.18 9.32 10.90
CA ALA A 130 -10.32 8.57 11.82
C ALA A 130 -11.11 7.45 12.46
N VAL A 131 -10.47 6.30 12.61
CA VAL A 131 -11.05 5.13 13.26
C VAL A 131 -10.02 4.62 14.26
N LEU A 132 -10.42 4.50 15.54
CA LEU A 132 -9.57 3.93 16.57
C LEU A 132 -10.08 2.51 16.83
N ALA A 133 -9.33 1.52 16.35
CA ALA A 133 -9.67 0.13 16.56
C ALA A 133 -8.93 -0.37 17.78
N THR A 134 -9.68 -0.85 18.76
CA THR A 134 -9.06 -1.08 20.06
C THR A 134 -9.81 -2.15 20.82
N VAL A 135 -9.75 -2.13 22.15
CA VAL A 135 -10.23 -3.22 22.99
C VAL A 135 -11.03 -2.61 24.14
N VAL A 136 -12.13 -3.26 24.52
CA VAL A 136 -12.99 -2.73 25.57
C VAL A 136 -12.17 -2.50 26.82
N GLY A 137 -12.40 -1.36 27.47
CA GLY A 137 -11.69 -1.05 28.69
C GLY A 137 -10.43 -0.23 28.53
N ARG A 138 -9.91 -0.08 27.29
CA ARG A 138 -8.71 0.72 27.10
C ARG A 138 -8.98 2.17 27.49
N PRO A 139 -7.92 2.97 27.71
CA PRO A 139 -8.09 4.44 27.87
C PRO A 139 -8.16 5.15 26.53
N HIS A 140 -9.38 5.19 25.95
CA HIS A 140 -9.52 5.48 24.53
C HIS A 140 -8.97 6.85 24.18
N LEU A 141 -9.29 7.87 24.98
CA LEU A 141 -8.77 9.20 24.69
C LEU A 141 -7.26 9.23 24.79
N GLN A 142 -6.70 8.51 25.76
CA GLN A 142 -5.25 8.54 25.92
C GLN A 142 -4.57 7.75 24.79
N ASP A 143 -5.16 6.63 24.37
CA ASP A 143 -4.60 5.92 23.22
C ASP A 143 -4.70 6.77 21.97
N PHE A 144 -5.82 7.47 21.77
CA PHE A 144 -5.97 8.32 20.59
C PHE A 144 -4.89 9.38 20.55
N LEU A 145 -4.58 10.00 21.69
CA LEU A 145 -3.64 11.12 21.71
C LEU A 145 -2.22 10.67 21.44
N LEU A 146 -1.81 9.57 22.06
CA LEU A 146 -0.50 9.01 21.78
C LEU A 146 -0.38 8.67 20.29
N LEU A 147 -1.35 7.91 19.77
CA LEU A 147 -1.30 7.51 18.37
C LEU A 147 -1.41 8.71 17.43
N LYS A 148 -2.27 9.69 17.76
CA LYS A 148 -2.33 10.90 16.96
C LYS A 148 -0.97 11.59 16.89
N ARG A 149 -0.26 11.65 18.03
CA ARG A 149 1.05 12.28 18.08
C ARG A 149 2.02 11.57 17.13
N LYS A 150 1.98 10.24 17.10
CA LYS A 150 2.82 9.50 16.16
C LYS A 150 2.42 9.77 14.72
N HIS A 151 1.12 10.04 14.48
CA HIS A 151 0.67 10.44 13.15
C HIS A 151 1.22 11.80 12.76
N LEU A 152 1.25 12.74 13.71
CA LEU A 152 1.81 14.06 13.41
C LEU A 152 3.30 13.98 13.08
N GLU A 153 4.04 13.13 13.80
CA GLU A 153 5.48 13.04 13.62
C GLU A 153 5.86 12.36 12.30
N TYR A 154 5.04 11.41 11.85
CA TYR A 154 5.31 10.59 10.66
C TYR A 154 4.68 11.16 9.39
N SER A 155 3.86 12.21 9.50
CA SER A 155 3.09 12.67 8.37
C SER A 155 3.85 13.70 7.53
N ASP A 156 3.73 13.57 6.21
CA ASP A 156 4.22 14.54 5.26
C ASP A 156 3.31 15.75 5.10
N TYR A 157 2.29 15.88 5.96
CA TYR A 157 1.35 17.00 5.94
C TYR A 157 0.66 17.10 7.30
N PRO A 158 1.40 17.37 8.39
CA PRO A 158 0.81 17.29 9.73
C PRO A 158 -0.26 18.34 10.00
N GLU A 159 -0.39 19.38 9.17
CA GLU A 159 -1.42 20.39 9.40
C GLU A 159 -2.81 19.77 9.39
N SER A 160 -3.03 18.81 8.50
CA SER A 160 -4.37 18.26 8.35
C SER A 160 -4.75 17.31 9.49
N ILE A 161 -3.77 16.83 10.25
CA ILE A 161 -4.02 15.88 11.33
C ILE A 161 -4.34 16.58 12.63
N ASP A 162 -3.60 17.66 12.94
CA ASP A 162 -3.69 18.30 14.25
C ASP A 162 -5.11 18.75 14.59
N LEU A 163 -5.95 19.00 13.60
CA LEU A 163 -7.31 19.44 13.89
C LEU A 163 -8.29 18.30 14.11
N ILE A 164 -7.88 17.04 13.93
CA ILE A 164 -8.78 15.93 14.21
C ILE A 164 -8.90 15.80 15.73
N GLU A 165 -10.13 15.92 16.23
CA GLU A 165 -10.38 15.83 17.66
C GLU A 165 -10.93 14.45 18.00
N PHE A 166 -10.75 14.05 19.25
CA PHE A 166 -11.28 12.76 19.68
C PHE A 166 -12.78 12.63 19.43
N GLY A 167 -13.53 13.73 19.51
CA GLY A 167 -14.94 13.67 19.21
C GLY A 167 -15.24 13.26 17.77
N ASP A 168 -14.26 13.43 16.86
CA ASP A 168 -14.44 13.03 15.47
C ASP A 168 -14.12 11.56 15.21
N VAL A 169 -13.59 10.84 16.20
CA VAL A 169 -13.07 9.49 15.98
C VAL A 169 -14.17 8.46 16.15
N LYS A 170 -14.23 7.50 15.22
CA LYS A 170 -15.08 6.34 15.41
C LYS A 170 -14.26 5.30 16.16
N VAL A 171 -14.84 4.73 17.21
CA VAL A 171 -14.18 3.74 18.04
C VAL A 171 -14.80 2.39 17.75
N ILE A 172 -13.95 1.37 17.64
CA ILE A 172 -14.37 -0.02 17.50
C ILE A 172 -13.68 -0.81 18.61
N GLU A 173 -14.45 -1.49 19.43
CA GLU A 173 -13.93 -2.22 20.58
C GLU A 173 -14.06 -3.72 20.33
N LYS A 174 -12.94 -4.44 20.43
CA LYS A 174 -12.97 -5.89 20.48
C LYS A 174 -12.94 -6.36 21.92
N THR A 175 -13.52 -7.53 22.16
CA THR A 175 -13.45 -8.15 23.48
C THR A 175 -12.41 -9.26 23.44
N VAL A 176 -11.72 -9.44 24.55
CA VAL A 176 -10.81 -10.56 24.71
C VAL A 176 -11.63 -11.80 25.09
N GLY A 177 -11.22 -12.95 24.57
CA GLY A 177 -11.85 -14.20 24.97
C GLY A 177 -11.53 -14.54 26.42
N HIS A 178 -12.31 -15.44 26.98
CA HIS A 178 -12.12 -15.86 28.36
C HIS A 178 -11.72 -17.32 28.45
N GLY A 179 -10.93 -17.80 27.50
CA GLY A 179 -10.41 -19.15 27.58
C GLY A 179 -11.32 -20.24 27.05
N GLN A 180 -12.36 -19.88 26.31
CA GLN A 180 -13.19 -20.86 25.62
C GLN A 180 -12.35 -21.74 24.72
N PRO A 181 -12.60 -23.06 24.67
CA PRO A 181 -12.06 -23.86 23.58
C PRO A 181 -12.70 -23.44 22.25
N VAL A 182 -12.01 -23.78 21.16
CA VAL A 182 -12.42 -23.27 19.85
C VAL A 182 -12.48 -24.41 18.85
N VAL A 183 -13.35 -24.24 17.85
CA VAL A 183 -13.45 -25.13 16.70
C VAL A 183 -12.87 -24.40 15.49
N LEU A 184 -12.02 -25.09 14.73
CA LEU A 184 -11.50 -24.54 13.49
C LEU A 184 -12.38 -25.03 12.34
N TYR A 185 -12.92 -24.09 11.56
CA TYR A 185 -13.73 -24.46 10.43
C TYR A 185 -13.61 -23.34 9.41
N ALA A 187 -11.02 -22.04 8.04
CA ALA A 187 -9.92 -21.16 8.43
C ALA A 187 -10.35 -20.13 9.48
N SER A 188 -11.32 -20.49 10.32
CA SER A 188 -11.84 -19.53 11.31
C SER A 188 -12.04 -20.24 12.64
N LEU A 189 -11.85 -19.50 13.72
CA LEU A 189 -12.04 -20.05 15.06
C LEU A 189 -13.46 -19.72 15.54
N PHE A 190 -14.18 -20.75 15.98
CA PHE A 190 -15.51 -20.61 16.56
C PHE A 190 -15.34 -20.91 18.05
N PRO A 191 -15.33 -19.90 18.91
CA PRO A 191 -15.20 -20.16 20.35
C PRO A 191 -16.51 -20.74 20.88
N ILE A 192 -16.40 -21.81 21.67
CA ILE A 192 -17.60 -22.43 22.22
C ILE A 192 -18.34 -21.40 23.06
N GLY A 193 -19.65 -21.31 22.86
CA GLY A 193 -20.48 -20.40 23.62
C GLY A 193 -20.59 -19.00 23.05
N LEU A 194 -19.75 -18.62 22.09
CA LEU A 194 -19.87 -17.33 21.47
C LEU A 194 -20.58 -17.46 20.12
N THR A 195 -21.06 -16.34 19.62
CA THR A 195 -21.71 -16.33 18.32
C THR A 195 -20.82 -15.75 17.22
N LYS A 196 -19.65 -15.21 17.57
CA LYS A 196 -18.77 -14.68 16.54
C LYS A 196 -17.65 -15.69 16.26
N ILE A 197 -16.85 -15.37 15.25
CA ILE A 197 -15.74 -16.20 14.78
C ILE A 197 -14.51 -15.31 14.78
N ALA A 198 -13.34 -15.94 14.81
CA ALA A 198 -12.08 -15.22 14.66
C ALA A 198 -11.39 -15.78 13.42
N GLU A 199 -11.43 -15.02 12.32
CA GLU A 199 -10.81 -15.47 11.07
C GLU A 199 -9.31 -15.62 11.27
N GLN A 200 -8.75 -16.71 10.73
CA GLN A 200 -7.31 -16.95 10.77
C GLN A 200 -6.67 -16.73 9.41
N GLY A 201 -5.40 -16.30 9.44
CA GLY A 201 -4.65 -16.14 8.21
C GLY A 201 -4.50 -17.45 7.47
N ILE A 202 -4.63 -17.39 6.16
CA ILE A 202 -4.51 -18.55 5.29
C ILE A 202 -3.14 -18.44 4.64
N GLY A 203 -2.24 -19.34 4.99
CA GLY A 203 -0.93 -19.38 4.36
C GLY A 203 -1.00 -20.00 2.98
N CYS A 204 -0.62 -21.27 2.87
CA CYS A 204 -0.70 -22.03 1.61
C CYS A 204 0.12 -21.34 0.51
N HIS A 205 1.37 -21.00 0.85
CA HIS A 205 2.21 -20.26 -0.07
C HIS A 205 3.00 -21.16 -1.02
N ASN A 206 2.95 -22.48 -0.83
CA ASN A 206 3.67 -23.39 -1.72
C ASN A 206 2.71 -23.99 -2.74
N GLU A 207 3.31 -24.69 -3.72
CA GLU A 207 2.59 -25.17 -4.90
C GLU A 207 1.46 -26.11 -4.53
N LYS A 208 1.72 -27.08 -3.65
CA LYS A 208 0.71 -28.09 -3.33
C LYS A 208 -0.43 -27.48 -2.51
N ASN A 209 -0.09 -26.71 -1.48
CA ASN A 209 -1.13 -26.19 -0.60
C ASN A 209 -1.98 -25.12 -1.27
N ASP A 210 -1.37 -24.30 -2.14
CA ASP A 210 -2.13 -23.32 -2.91
C ASP A 210 -3.18 -23.99 -3.79
N ALA A 211 -2.77 -25.03 -4.54
CA ALA A 211 -3.72 -25.71 -5.41
C ALA A 211 -4.76 -26.49 -4.63
N THR A 212 -4.36 -27.09 -3.50
CA THR A 212 -5.32 -27.86 -2.71
C THR A 212 -6.33 -26.94 -1.99
N LEU A 213 -5.88 -25.77 -1.54
CA LEU A 213 -6.80 -24.76 -1.00
C LEU A 213 -7.90 -24.42 -1.98
N LYS A 214 -7.53 -24.09 -3.23
CA LYS A 214 -8.50 -23.79 -4.26
C LYS A 214 -9.45 -24.95 -4.51
N SER A 215 -8.91 -26.18 -4.58
CA SER A 215 -9.75 -27.32 -4.94
CA SER A 215 -9.75 -27.32 -4.94
C SER A 215 -10.70 -27.69 -3.81
N LEU A 216 -10.25 -27.55 -2.55
CA LEU A 216 -11.10 -27.92 -1.42
C LEU A 216 -12.23 -26.90 -1.22
N LEU A 217 -11.96 -25.61 -1.46
CA LEU A 217 -13.03 -24.62 -1.37
C LEU A 217 -14.16 -24.98 -2.33
N LYS A 218 -13.82 -25.27 -3.58
CA LYS A 218 -14.82 -25.62 -4.56
C LYS A 218 -15.52 -26.92 -4.18
N THR A 219 -14.76 -27.90 -3.69
CA THR A 219 -15.35 -29.15 -3.22
C THR A 219 -16.30 -28.90 -2.06
N ALA A 220 -15.95 -27.96 -1.18
CA ALA A 220 -16.84 -27.65 -0.07
C ALA A 220 -18.16 -27.11 -0.59
N ILE A 221 -18.11 -26.17 -1.54
CA ILE A 221 -19.33 -25.57 -2.05
C ILE A 221 -20.10 -26.56 -2.92
N LEU A 222 -19.38 -27.34 -3.75
CA LEU A 222 -20.01 -28.32 -4.62
C LEU A 222 -20.80 -29.35 -3.82
N ASN A 223 -20.36 -29.67 -2.60
CA ASN A 223 -21.07 -30.62 -1.77
C ASN A 223 -22.10 -29.96 -0.84
N THR A 225 -26.06 -28.28 -1.24
CA THR A 225 -27.20 -27.87 -2.05
C THR A 225 -27.57 -26.43 -1.70
N PRO A 226 -28.32 -25.76 -2.58
CA PRO A 226 -28.84 -24.42 -2.23
C PRO A 226 -29.62 -24.41 -0.92
N ASP A 227 -30.32 -25.50 -0.57
CA ASP A 227 -31.03 -25.56 0.71
C ASP A 227 -30.09 -25.72 1.89
N ASP A 228 -29.01 -26.48 1.73
CA ASP A 228 -27.97 -26.49 2.76
C ASP A 228 -27.51 -25.07 3.08
N VAL A 229 -27.17 -24.30 2.05
CA VAL A 229 -26.62 -22.97 2.28
C VAL A 229 -27.64 -22.09 2.99
N SER A 230 -28.92 -22.23 2.64
CA SER A 230 -29.97 -21.46 3.31
CA SER A 230 -29.97 -21.46 3.31
C SER A 230 -30.08 -21.80 4.79
N LEU A 231 -29.55 -22.95 5.21
CA LEU A 231 -29.60 -23.39 6.59
C LEU A 231 -28.35 -23.05 7.37
N LEU A 232 -27.38 -22.33 6.74
CA LEU A 232 -26.16 -22.03 7.47
C LEU A 232 -26.34 -20.83 8.39
N PRO A 233 -25.86 -20.91 9.62
CA PRO A 233 -25.82 -19.73 10.50
C PRO A 233 -24.89 -18.67 9.94
N ARG A 234 -25.10 -17.43 10.42
CA ARG A 234 -24.32 -16.31 9.93
C ARG A 234 -22.83 -16.53 10.19
N SER A 235 -22.49 -17.09 11.35
CA SER A 235 -21.08 -17.31 11.67
C SER A 235 -20.43 -18.26 10.66
N LYS A 236 -21.15 -19.30 10.21
CA LYS A 236 -20.57 -20.20 9.22
C LYS A 236 -20.52 -19.56 7.85
N LEU A 237 -21.52 -18.74 7.53
CA LEU A 237 -21.49 -17.97 6.29
C LEU A 237 -20.31 -17.03 6.26
N ASP A 238 -20.00 -16.40 7.39
CA ASP A 238 -18.86 -15.48 7.44
C ASP A 238 -17.51 -16.21 7.32
N ALA A 239 -17.40 -17.42 7.88
CA ALA A 239 -16.13 -18.13 7.75
C ALA A 239 -15.94 -18.56 6.30
N ILE A 240 -16.99 -19.10 5.68
CA ILE A 240 -16.94 -19.42 4.25
C ILE A 240 -16.57 -18.18 3.47
N ASP A 241 -17.17 -17.03 3.80
CA ASP A 241 -16.79 -15.77 3.15
C ASP A 241 -15.29 -15.50 3.28
N HIS A 242 -14.70 -15.82 4.43
CA HIS A 242 -13.28 -15.56 4.64
C HIS A 242 -12.42 -16.41 3.67
N VAL A 243 -12.80 -17.65 3.46
CA VAL A 243 -12.00 -18.50 2.57
C VAL A 243 -12.26 -18.13 1.11
N VAL A 244 -13.51 -17.89 0.76
CA VAL A 244 -13.87 -17.46 -0.60
C VAL A 244 -13.08 -16.21 -1.00
N ARG A 245 -13.06 -15.19 -0.13
CA ARG A 245 -12.40 -13.95 -0.52
C ARG A 245 -10.89 -14.13 -0.63
N ASN A 246 -10.28 -14.93 0.26
CA ASN A 246 -8.85 -15.17 0.16
C ASN A 246 -8.50 -15.94 -1.10
N VAL A 247 -9.37 -16.86 -1.54
CA VAL A 247 -9.07 -17.59 -2.76
C VAL A 247 -9.15 -16.68 -3.99
N TYR A 248 -10.16 -15.81 -4.06
CA TYR A 248 -10.29 -14.94 -5.25
C TYR A 248 -9.14 -13.95 -5.36
N LEU A 249 -8.56 -13.53 -4.23
CA LEU A 249 -7.40 -12.64 -4.27
C LEU A 249 -6.21 -13.27 -5.00
N ARG A 250 -6.19 -14.59 -5.12
CA ARG A 250 -5.06 -15.30 -5.74
C ARG A 250 -5.19 -15.42 -7.26
N PHE A 251 -6.32 -15.03 -7.83
CA PHE A 251 -6.59 -15.20 -9.25
C PHE A 251 -6.58 -13.86 -9.96
N ASN A 252 -6.09 -13.84 -11.20
CA ASN A 252 -6.45 -12.75 -12.09
C ASN A 252 -7.87 -13.01 -12.60
N ASN A 253 -8.41 -12.09 -13.39
CA ASN A 253 -9.83 -12.18 -13.74
C ASN A 253 -10.12 -13.43 -14.55
N SER A 254 -9.24 -13.78 -15.47
CA SER A 254 -9.48 -14.95 -16.29
C SER A 254 -9.39 -16.23 -15.46
N SER A 255 -8.42 -16.30 -14.56
CA SER A 255 -8.29 -17.52 -13.74
C SER A 255 -9.47 -17.65 -12.77
N ALA A 256 -9.91 -16.54 -12.17
CA ALA A 256 -11.08 -16.55 -11.30
C ALA A 256 -12.31 -17.06 -12.05
N VAL A 257 -12.46 -16.67 -13.30
CA VAL A 257 -13.65 -17.08 -14.04
C VAL A 257 -13.58 -18.57 -14.38
N SER A 258 -12.42 -19.04 -14.89
CA SER A 258 -12.36 -20.44 -15.26
C SER A 258 -12.34 -21.36 -14.04
N TYR A 259 -11.84 -20.88 -12.90
CA TYR A 259 -12.07 -21.59 -11.63
C TYR A 259 -13.53 -22.05 -11.52
N GLY A 260 -14.48 -21.20 -11.93
CA GLY A 260 -15.86 -21.62 -12.08
C GLY A 260 -16.65 -21.87 -10.81
N LEU A 261 -16.10 -21.54 -9.64
CA LEU A 261 -16.89 -21.59 -8.42
C LEU A 261 -18.19 -20.79 -8.57
N HIS A 262 -18.13 -19.65 -9.26
CA HIS A 262 -19.30 -18.79 -9.37
C HIS A 262 -20.42 -19.42 -10.19
N LYS A 263 -20.17 -20.54 -10.86
CA LYS A 263 -21.18 -21.21 -11.67
C LYS A 263 -22.02 -22.22 -10.89
N LEU A 264 -21.64 -22.53 -9.67
CA LEU A 264 -22.33 -23.53 -8.87
C LEU A 264 -23.65 -22.99 -8.34
N GLN A 265 -24.73 -23.76 -8.48
CA GLN A 265 -26.03 -23.28 -8.07
C GLN A 265 -26.05 -22.91 -6.59
N SER A 266 -25.33 -23.66 -5.76
CA SER A 266 -25.29 -23.35 -4.35
C SER A 266 -24.44 -22.12 -4.03
N PHE A 267 -23.50 -21.77 -4.91
CA PHE A 267 -22.73 -20.56 -4.68
C PHE A 267 -23.58 -19.33 -4.91
N GLU A 268 -24.57 -19.44 -5.81
CA GLU A 268 -25.49 -18.33 -5.98
C GLU A 268 -26.21 -18.02 -4.67
N LYS A 269 -26.48 -19.04 -3.85
CA LYS A 269 -27.08 -18.77 -2.53
C LYS A 269 -26.08 -18.04 -1.62
N ILE A 270 -24.80 -18.42 -1.69
CA ILE A 270 -23.72 -17.71 -0.99
C ILE A 270 -23.67 -16.26 -1.44
N LEU A 271 -23.80 -16.02 -2.74
CA LEU A 271 -23.75 -14.66 -3.25
C LEU A 271 -24.88 -13.80 -2.68
N GLN A 272 -26.09 -14.37 -2.58
CA GLN A 272 -27.22 -13.64 -2.00
C GLN A 272 -27.00 -13.33 -0.52
N LEU A 273 -26.33 -14.23 0.20
CA LEU A 273 -26.15 -14.07 1.64
C LEU A 273 -24.88 -13.29 2.00
N ASN A 274 -23.81 -13.38 1.20
CA ASN A 274 -22.55 -12.73 1.53
C ASN A 274 -22.21 -11.54 0.65
N GLY A 275 -22.88 -11.35 -0.46
CA GLY A 275 -22.51 -10.27 -1.35
C GLY A 275 -21.97 -10.79 -2.68
N ARG A 276 -22.05 -9.91 -3.68
CA ARG A 276 -21.70 -10.27 -5.05
C ARG A 276 -20.36 -9.73 -5.50
N ILE A 277 -19.69 -8.92 -4.68
CA ILE A 277 -18.55 -8.13 -5.12
C ILE A 277 -17.29 -8.75 -4.54
N TYR A 278 -16.35 -9.15 -5.41
CA TYR A 278 -15.14 -9.85 -4.98
C TYR A 278 -13.90 -9.24 -5.62
N GLU A 279 -12.89 -8.95 -4.80
CA GLU A 279 -11.61 -8.50 -5.30
C GLU A 279 -10.81 -9.68 -5.81
N THR A 280 -10.18 -9.50 -6.96
CA THR A 280 -9.25 -10.47 -7.48
C THR A 280 -7.87 -9.87 -7.40
N LYS A 281 -6.86 -10.65 -7.81
CA LYS A 281 -5.53 -10.07 -8.00
C LYS A 281 -5.57 -8.91 -9.00
N GLU A 282 -6.43 -9.00 -10.00
CA GLU A 282 -6.45 -8.03 -11.09
C GLU A 282 -7.38 -6.86 -10.81
N SER A 283 -8.59 -7.13 -10.31
CA SER A 283 -9.51 -6.04 -10.02
C SER A 283 -10.69 -6.48 -9.18
N THR A 284 -11.83 -5.82 -9.37
CA THR A 284 -13.04 -6.18 -8.65
C THR A 284 -14.03 -6.78 -9.63
N LEU A 285 -14.57 -7.93 -9.27
CA LEU A 285 -15.59 -8.60 -10.06
C LEU A 285 -16.90 -8.59 -9.30
N VAL A 286 -17.99 -8.59 -10.05
CA VAL A 286 -19.33 -8.76 -9.52
C VAL A 286 -19.88 -10.02 -10.16
N PHE A 287 -20.22 -11.00 -9.33
CA PHE A 287 -20.87 -12.23 -9.82
C PHE A 287 -22.37 -11.97 -9.86
N HIS A 288 -22.85 -11.45 -10.98
CA HIS A 288 -24.24 -11.03 -11.06
C HIS A 288 -25.12 -12.17 -11.57
N HIS A 289 -26.29 -12.31 -10.95
CA HIS A 289 -27.17 -13.42 -11.28
C HIS A 289 -27.89 -13.23 -12.61
N LYS A 290 -28.13 -11.99 -13.06
CA LYS A 290 -28.74 -11.77 -14.38
C LYS A 290 -27.70 -11.62 -15.48
N LYS A 291 -26.66 -10.82 -15.24
CA LYS A 291 -25.76 -10.38 -16.29
C LYS A 291 -24.47 -11.20 -16.35
N GLY A 292 -24.25 -12.10 -15.39
CA GLY A 292 -23.00 -12.84 -15.35
C GLY A 292 -21.87 -12.13 -14.63
N VAL A 293 -20.66 -12.44 -15.05
CA VAL A 293 -19.47 -11.86 -14.43
C VAL A 293 -19.30 -10.43 -14.92
N LEU A 294 -19.20 -9.51 -13.98
CA LEU A 294 -18.99 -8.11 -14.33
C LEU A 294 -17.66 -7.67 -13.74
N VAL A 295 -17.08 -6.63 -14.32
CA VAL A 295 -15.76 -6.16 -13.92
C VAL A 295 -15.87 -4.67 -13.67
N GLU A 296 -15.27 -4.20 -12.60
CA GLU A 296 -15.34 -2.77 -12.30
C GLU A 296 -14.75 -2.00 -13.47
N ASP A 297 -15.43 -0.92 -13.85
CA ASP A 297 -15.11 -0.21 -15.08
C ASP A 297 -15.69 1.19 -14.92
N LEU A 298 -14.81 2.16 -14.64
CA LEU A 298 -15.24 3.55 -14.53
C LEU A 298 -16.02 4.00 -15.76
N LYS A 299 -15.68 3.46 -16.93
CA LYS A 299 -16.39 3.77 -18.16
C LYS A 299 -17.55 2.81 -18.43
N GLY A 300 -17.90 1.95 -17.48
CA GLY A 300 -18.96 0.98 -17.71
C GLY A 300 -20.32 1.64 -17.83
N LEU A 301 -21.25 0.92 -18.44
CA LEU A 301 -22.61 1.43 -18.64
C LEU A 301 -23.62 0.76 -17.72
N SER A 303 -24.38 -0.24 -13.29
CA SER A 303 -24.08 0.13 -11.91
CA SER A 303 -24.04 0.09 -11.92
C SER A 303 -24.59 -0.97 -10.99
N TYR A 304 -23.72 -1.55 -10.19
CA TYR A 304 -24.12 -2.51 -9.16
C TYR A 304 -23.83 -1.84 -7.83
N LYS A 305 -24.89 -1.45 -7.13
CA LYS A 305 -24.77 -0.76 -5.86
C LYS A 305 -23.78 0.41 -5.97
N THR A 306 -23.96 1.22 -7.03
CA THR A 306 -23.19 2.42 -7.38
C THR A 306 -21.78 2.14 -7.90
N LEU A 307 -21.38 0.89 -8.04
CA LEU A 307 -20.11 0.56 -8.70
C LEU A 307 -20.35 0.44 -10.21
N ARG A 308 -19.65 1.25 -10.99
CA ARG A 308 -19.80 1.12 -12.42
C ARG A 308 -18.98 -0.05 -12.90
N VAL A 309 -19.61 -0.90 -13.73
CA VAL A 309 -19.10 -2.18 -14.15
C VAL A 309 -19.42 -2.38 -15.62
N SER A 310 -18.72 -3.31 -16.25
CA SER A 310 -19.09 -3.75 -17.58
C SER A 310 -18.97 -5.26 -17.61
N GLU A 311 -19.49 -5.87 -18.68
CA GLU A 311 -19.40 -7.31 -18.82
C GLU A 311 -17.96 -7.75 -18.90
N TRP A 312 -17.55 -8.69 -18.05
CA TRP A 312 -16.20 -9.19 -18.17
C TRP A 312 -16.11 -10.11 -19.38
N ARG A 313 -15.02 -10.00 -20.14
CA ARG A 313 -14.88 -10.69 -21.42
C ARG A 313 -13.52 -11.34 -21.50
N GLU A 314 -13.47 -12.61 -21.83
CA GLU A 314 -12.18 -13.26 -22.04
C GLU A 314 -11.53 -12.75 -23.32
N LYS A 315 -10.22 -12.59 -23.27
CA LYS A 315 -9.49 -12.14 -24.45
C LYS A 315 -9.55 -13.22 -25.53
N GLN A 316 -9.90 -12.82 -26.74
CA GLN A 316 -10.02 -13.73 -27.87
C GLN A 316 -9.10 -13.24 -28.98
N GLU A 317 -8.22 -14.12 -29.45
CA GLU A 317 -7.21 -13.73 -30.44
C GLU A 317 -7.77 -12.98 -31.65
N PRO A 318 -8.91 -13.36 -32.23
CA PRO A 318 -9.45 -12.51 -33.31
C PRO A 318 -9.80 -11.11 -32.86
N GLU A 319 -10.12 -10.90 -31.58
CA GLU A 319 -10.50 -9.56 -31.12
C GLU A 319 -9.26 -8.74 -30.76
N GLU A 320 -8.34 -9.36 -30.02
CA GLU A 320 -7.04 -8.77 -29.77
C GLU A 320 -6.37 -8.34 -31.06
N ALA A 321 -6.57 -9.07 -32.15
CA ALA A 321 -5.92 -8.71 -33.40
C ALA A 321 -6.52 -7.44 -34.01
N ARG A 322 -7.75 -7.08 -33.66
CA ARG A 322 -8.35 -5.85 -34.16
C ARG A 322 -7.96 -4.62 -33.35
N VAL A 323 -7.39 -4.80 -32.15
CA VAL A 323 -7.02 -3.63 -31.34
C VAL A 323 -5.96 -2.83 -32.07
N GLU A 324 -6.19 -1.52 -32.19
CA GLU A 324 -5.22 -0.64 -32.84
C GLU A 324 -4.04 -0.40 -31.92
N VAL A 325 -2.89 -0.97 -32.26
CA VAL A 325 -1.64 -0.72 -31.53
C VAL A 325 -1.11 0.66 -31.92
N LEU A 326 -1.03 1.56 -30.94
CA LEU A 326 -0.67 2.95 -31.21
C LEU A 326 0.83 3.15 -31.36
N GLU A 327 1.19 4.16 -32.14
CA GLU A 327 2.58 4.63 -32.18
C GLU A 327 2.95 5.24 -30.84
N GLU A 328 4.18 5.00 -30.40
CA GLU A 328 4.59 5.53 -29.09
C GLU A 328 4.85 7.04 -29.11
N GLY B 1 0.66 33.17 14.99
CA GLY B 1 1.00 32.65 13.68
C GLY B 1 1.36 31.18 13.71
N PRO B 2 1.74 30.63 12.56
CA PRO B 2 2.04 29.20 12.47
C PRO B 2 3.20 28.79 13.36
N THR B 3 3.22 27.50 13.73
CA THR B 3 4.29 27.00 14.57
C THR B 3 5.61 27.02 13.81
N ALA B 4 6.69 26.75 14.54
CA ALA B 4 8.01 26.82 13.92
C ALA B 4 8.16 25.83 12.78
N VAL B 5 7.51 24.67 12.87
CA VAL B 5 7.61 23.70 11.80
C VAL B 5 6.71 24.09 10.63
N GLN B 6 5.48 24.50 10.91
CA GLN B 6 4.61 24.94 9.80
C GLN B 6 5.25 26.08 9.03
N GLU B 7 5.98 26.93 9.74
CA GLU B 7 6.79 27.95 9.08
C GLU B 7 7.83 27.33 8.16
N LEU B 8 8.63 26.39 8.68
CA LEU B 8 9.63 25.73 7.85
C LEU B 8 9.00 25.06 6.66
N ASN B 9 7.92 24.30 6.90
CA ASN B 9 7.11 23.72 5.82
C ASN B 9 6.82 24.74 4.73
N ARG B 10 6.36 25.93 5.12
CA ARG B 10 5.99 26.93 4.13
C ARG B 10 7.22 27.50 3.44
N ILE B 11 8.33 27.66 4.16
CA ILE B 11 9.55 28.12 3.53
C ILE B 11 10.05 27.08 2.54
N CYS B 12 10.01 25.81 2.92
CA CYS B 12 10.41 24.74 2.02
C CYS B 12 9.51 24.71 0.78
N ASP B 13 8.19 24.79 0.99
CA ASP B 13 7.25 25.00 -0.11
C ASP B 13 7.72 26.10 -1.04
N GLY B 14 8.17 27.22 -0.45
CA GLY B 14 8.55 28.37 -1.25
C GLY B 14 9.79 28.12 -2.09
N ILE B 16 10.82 25.03 -3.20
CA ILE B 16 10.35 24.12 -4.25
C ILE B 16 9.67 24.92 -5.34
N LEU B 17 8.80 25.86 -4.94
CA LEU B 17 8.09 26.69 -5.91
C LEU B 17 9.06 27.55 -6.71
N SER B 18 10.08 28.10 -6.06
CA SER B 18 11.06 28.91 -6.78
C SER B 18 11.96 28.07 -7.69
N SER B 19 12.05 26.76 -7.45
CA SER B 19 12.86 25.92 -8.30
C SER B 19 12.16 25.54 -9.61
N ILE B 20 10.90 25.93 -9.79
CA ILE B 20 10.17 25.51 -10.98
C ILE B 20 10.59 26.31 -12.20
N LEU B 21 10.73 27.64 -12.05
CA LEU B 21 11.09 28.51 -13.17
C LEU B 21 12.58 28.47 -13.49
N ARG B 22 13.45 28.40 -12.48
CA ARG B 22 14.90 28.41 -12.70
C ARG B 22 15.58 27.52 -11.68
N PRO B 23 16.71 26.91 -12.03
CA PRO B 23 17.53 26.24 -11.03
C PRO B 23 18.02 27.24 -10.00
N GLN B 24 18.09 26.79 -8.76
CA GLN B 24 18.51 27.62 -7.64
C GLN B 24 19.56 26.85 -6.86
N VAL B 26 21.28 25.83 -3.61
CA VAL B 26 20.78 25.83 -2.23
C VAL B 26 21.81 26.54 -1.37
N GLU B 27 21.55 27.82 -1.09
CA GLU B 27 22.43 28.66 -0.30
C GLU B 27 21.57 29.70 0.41
N PRO B 28 22.15 30.45 1.37
CA PRO B 28 21.28 31.32 2.19
C PRO B 28 20.46 32.34 1.42
N SER B 29 21.01 32.91 0.34
CA SER B 29 20.28 33.96 -0.39
C SER B 29 18.95 33.43 -0.92
N LEU B 30 18.93 32.17 -1.36
CA LEU B 30 17.68 31.50 -1.71
C LEU B 30 16.68 31.55 -0.57
N ILE B 31 17.11 31.17 0.63
CA ILE B 31 16.21 31.22 1.76
C ILE B 31 15.77 32.65 2.05
N GLY B 32 16.73 33.58 2.10
CA GLY B 32 16.40 34.97 2.38
C GLY B 32 15.36 35.54 1.42
N ASP B 33 15.49 35.26 0.13
CA ASP B 33 14.47 35.73 -0.82
C ASP B 33 13.11 35.10 -0.52
N VAL B 34 13.08 33.84 -0.09
CA VAL B 34 11.82 33.22 0.29
C VAL B 34 11.22 33.91 1.51
N LEU B 35 12.06 34.40 2.42
CA LEU B 35 11.55 35.01 3.64
C LEU B 35 10.81 36.31 3.40
N LYS B 36 11.01 36.94 2.23
CA LYS B 36 10.29 38.17 1.91
C LYS B 36 8.79 37.94 1.90
N THR B 37 8.34 36.88 1.22
CA THR B 37 6.91 36.60 1.07
C THR B 37 6.39 35.59 2.09
N GLU B 38 7.26 34.73 2.63
CA GLU B 38 6.91 33.78 3.68
C GLU B 38 7.80 34.05 4.89
N PRO B 39 7.54 35.15 5.62
CA PRO B 39 8.44 35.51 6.72
C PRO B 39 8.33 34.55 7.88
N PHE B 40 9.42 34.43 8.64
CA PHE B 40 9.46 33.50 9.77
C PHE B 40 8.98 34.24 11.01
N THR B 41 7.79 33.88 11.50
CA THR B 41 7.15 34.59 12.62
C THR B 41 7.85 34.30 13.93
N SER B 42 8.02 33.03 14.26
CA SER B 42 8.39 32.62 15.60
C SER B 42 9.79 33.10 15.94
N SER B 43 10.16 32.91 17.22
CA SER B 43 11.48 33.29 17.67
C SER B 43 12.48 32.18 17.35
N LEU B 44 13.73 32.60 17.12
CA LEU B 44 14.81 31.66 16.84
C LEU B 44 15.09 30.74 18.02
N GLU B 45 14.61 31.10 19.23
CA GLU B 45 14.83 30.26 20.40
C GLU B 45 14.03 28.97 20.32
N VAL B 46 12.75 29.07 19.95
CA VAL B 46 11.96 27.87 19.67
C VAL B 46 12.67 27.01 18.65
N LEU B 47 13.09 27.65 17.55
CA LEU B 47 13.68 26.97 16.42
C LEU B 47 14.89 26.12 16.80
N LYS B 48 15.57 26.45 17.90
CA LYS B 48 16.80 25.76 18.28
C LYS B 48 16.56 24.31 18.66
N ASP B 49 15.35 23.96 19.11
CA ASP B 49 15.11 22.63 19.65
C ASP B 49 14.27 21.73 18.75
N ILE B 50 13.90 22.20 17.56
CA ILE B 50 13.10 21.39 16.65
C ILE B 50 14.00 20.38 15.94
N LYS B 51 13.47 19.18 15.71
CA LYS B 51 14.18 18.07 15.08
C LYS B 51 13.76 18.00 13.61
N VAL B 52 14.61 18.52 12.71
CA VAL B 52 14.27 18.43 11.30
C VAL B 52 15.46 17.93 10.52
N SER B 53 15.17 17.52 9.29
CA SER B 53 16.14 16.92 8.40
C SER B 53 15.92 17.47 7.00
N GLY B 54 16.79 17.07 6.09
CA GLY B 54 16.64 17.50 4.72
C GLY B 54 16.76 19.00 4.58
N LEU B 55 15.98 19.55 3.65
CA LEU B 55 16.04 20.98 3.39
C LEU B 55 15.45 21.79 4.53
N ARG B 57 15.85 21.40 7.67
CA ARG B 57 16.95 21.66 8.59
C ARG B 57 17.89 22.73 8.04
N TYR B 58 18.26 22.63 6.77
CA TYR B 58 19.12 23.67 6.20
C TYR B 58 18.46 25.04 6.29
N ILE B 59 17.13 25.09 6.16
CA ILE B 59 16.41 26.35 6.36
C ILE B 59 16.60 26.83 7.78
N LYS B 60 16.30 25.95 8.74
CA LYS B 60 16.55 26.20 10.14
C LYS B 60 17.94 26.78 10.36
N GLN B 61 18.99 26.06 9.92
CA GLN B 61 20.36 26.50 10.14
C GLN B 61 20.60 27.89 9.52
N VAL B 62 20.01 28.16 8.35
CA VAL B 62 20.18 29.47 7.74
C VAL B 62 19.48 30.54 8.56
N LEU B 63 18.28 30.23 9.06
CA LEU B 63 17.63 31.12 10.03
C LEU B 63 18.51 31.38 11.24
N LEU B 64 19.28 30.39 11.67
CA LEU B 64 20.19 30.56 12.80
C LEU B 64 21.56 31.12 12.39
N GLY B 65 21.72 31.61 11.15
CA GLY B 65 22.89 32.39 10.76
C GLY B 65 23.86 31.73 9.80
N ARG B 66 23.60 30.52 9.32
CA ARG B 66 24.60 29.82 8.51
C ARG B 66 24.84 30.57 7.20
N LYS B 67 26.12 30.84 6.91
CA LYS B 67 26.49 31.47 5.64
C LYS B 67 26.86 30.48 4.56
N SER B 68 27.24 29.26 4.91
CA SER B 68 27.68 28.29 3.92
C SER B 68 26.49 27.70 3.17
N TYR B 69 26.75 27.32 1.91
CA TYR B 69 25.74 26.63 1.12
C TYR B 69 25.60 25.17 1.57
N TYR B 70 24.49 24.56 1.16
CA TYR B 70 24.23 23.17 1.55
C TYR B 70 25.21 22.24 0.84
N LYS B 71 25.70 21.24 1.59
CA LYS B 71 26.75 20.33 1.14
C LYS B 71 26.17 18.93 0.98
N PHE B 72 26.31 18.37 -0.22
CA PHE B 72 25.73 17.07 -0.50
C PHE B 72 26.43 15.98 0.30
N GLY B 73 25.64 15.16 0.99
CA GLY B 73 26.17 14.17 1.89
C GLY B 73 26.39 14.64 3.30
N GLU B 74 26.11 15.92 3.61
CA GLU B 74 26.40 16.40 4.96
C GLU B 74 25.48 15.79 6.01
N GLU B 75 24.39 15.15 5.58
CA GLU B 75 23.43 14.50 6.45
C GLU B 75 23.72 13.02 6.66
N HIS B 76 24.83 12.49 6.15
CA HIS B 76 25.08 11.06 6.25
C HIS B 76 25.04 10.59 7.69
N ALA B 77 24.37 9.46 7.92
CA ALA B 77 24.28 8.85 9.23
C ALA B 77 24.16 7.34 9.06
N ASP B 78 25.02 6.60 9.76
CA ASP B 78 24.97 5.13 9.64
C ASP B 78 23.76 4.55 10.36
N GLY B 79 23.14 5.31 11.25
CA GLY B 79 21.94 4.86 11.93
C GLY B 79 22.21 3.89 13.07
N ASP B 80 21.13 3.50 13.73
CA ASP B 80 21.17 2.60 14.88
C ASP B 80 20.82 1.19 14.40
N GLN B 81 21.79 0.30 14.45
CA GLN B 81 21.59 -1.05 13.94
C GLN B 81 21.02 -1.99 14.99
N ASN B 82 20.67 -1.48 16.16
CA ASN B 82 19.88 -2.22 17.14
C ASN B 82 18.40 -1.87 17.08
N LEU B 83 18.05 -0.77 16.44
CA LEU B 83 16.68 -0.29 16.38
C LEU B 83 16.21 -0.29 14.94
N PHE B 84 14.94 -0.64 14.74
CA PHE B 84 14.42 -0.90 13.42
C PHE B 84 13.10 -0.17 13.21
N ASP B 85 12.90 0.32 11.98
CA ASP B 85 11.62 0.90 11.56
C ASP B 85 10.87 -0.12 10.69
N TYR B 86 9.54 -0.14 10.86
CA TYR B 86 8.69 -1.13 10.24
C TYR B 86 7.56 -0.40 9.53
N GLN B 87 7.48 -0.55 8.21
CA GLN B 87 6.32 -0.06 7.48
C GLN B 87 5.91 -1.08 6.42
N PHE B 88 4.64 -0.99 6.01
CA PHE B 88 4.14 -1.88 4.98
C PHE B 88 2.97 -1.23 4.26
N THR B 89 2.82 -1.57 2.98
CA THR B 89 1.70 -1.14 2.15
C THR B 89 1.11 -2.39 1.52
N GLY B 90 -0.15 -2.66 1.83
CA GLY B 90 -0.76 -3.88 1.39
C GLY B 90 -0.46 -5.02 2.34
N THR B 91 -1.33 -6.02 2.36
CA THR B 91 -1.12 -7.21 3.17
C THR B 91 -1.61 -8.37 2.31
N PRO B 92 -1.26 -9.61 2.67
CA PRO B 92 -1.80 -10.75 1.90
C PRO B 92 -3.32 -10.76 1.88
N GLU B 93 -3.99 -10.22 2.92
CA GLU B 93 -5.45 -10.16 2.93
C GLU B 93 -6.04 -8.90 2.31
N GLU B 94 -5.26 -7.82 2.13
CA GLU B 94 -5.69 -6.69 1.30
C GLU B 94 -4.50 -6.20 0.48
N PRO B 95 -4.20 -6.87 -0.62
CA PRO B 95 -3.15 -6.36 -1.52
C PRO B 95 -3.54 -5.01 -2.09
N ILE B 96 -2.52 -4.24 -2.46
CA ILE B 96 -2.68 -2.94 -3.09
C ILE B 96 -2.12 -3.06 -4.50
N LYS B 97 -3.00 -2.93 -5.50
CA LYS B 97 -2.63 -3.09 -6.91
C LYS B 97 -1.92 -4.44 -7.14
N GLY B 98 -2.38 -5.46 -6.43
CA GLY B 98 -1.94 -6.82 -6.65
C GLY B 98 -0.76 -7.26 -5.82
N TYR B 99 -0.19 -6.38 -5.01
CA TYR B 99 1.03 -6.67 -4.29
C TYR B 99 0.86 -6.30 -2.83
N TRP B 100 1.74 -6.84 -1.99
CA TRP B 100 1.93 -6.31 -0.65
C TRP B 100 3.43 -6.24 -0.39
N THR B 101 3.84 -5.19 0.32
CA THR B 101 5.24 -4.83 0.44
C THR B 101 5.55 -4.43 1.88
N THR B 102 6.65 -4.95 2.41
CA THR B 102 7.09 -4.64 3.77
C THR B 102 8.53 -4.13 3.74
N THR B 103 8.79 -3.05 4.44
CA THR B 103 10.13 -2.48 4.51
C THR B 103 10.53 -2.35 5.97
N ILE B 104 11.69 -2.88 6.29
CA ILE B 104 12.30 -2.79 7.61
C ILE B 104 13.70 -2.21 7.41
N SER B 105 14.06 -1.21 8.21
CA SER B 105 15.26 -0.44 8.00
C SER B 105 15.95 -0.16 9.32
N TYR B 106 17.21 0.27 9.23
CA TYR B 106 17.96 0.69 10.42
C TYR B 106 17.53 2.09 10.85
N ARG B 107 17.15 2.22 12.12
CA ARG B 107 16.73 3.51 12.67
C ARG B 107 17.75 4.60 12.34
N ASP B 108 17.24 5.74 11.85
CA ASP B 108 18.01 6.97 11.59
C ASP B 108 19.21 6.79 10.67
N SER B 109 19.15 5.83 9.74
CA SER B 109 20.20 5.68 8.74
C SER B 109 19.90 6.60 7.55
N LYS B 110 20.90 7.34 7.09
CA LYS B 110 20.77 8.15 5.89
C LYS B 110 22.05 8.09 5.06
N PRO B 111 21.97 7.56 3.83
CA PRO B 111 20.80 6.92 3.20
C PRO B 111 20.22 5.79 4.05
N LYS B 112 18.92 5.57 3.89
CA LYS B 112 18.25 4.52 4.64
C LYS B 112 18.76 3.16 4.20
N ILE B 113 19.18 2.34 5.15
CA ILE B 113 19.59 0.98 4.89
C ILE B 113 18.40 0.09 5.24
N SER B 114 17.81 -0.54 4.22
CA SER B 114 16.55 -1.21 4.42
C SER B 114 16.47 -2.48 3.56
N LEU B 115 15.70 -3.44 4.04
CA LEU B 115 15.29 -4.57 3.23
C LEU B 115 13.79 -4.44 2.96
N THR B 116 13.43 -4.41 1.69
CA THR B 116 12.05 -4.39 1.23
C THR B 116 11.73 -5.72 0.59
N ILE B 117 10.65 -6.35 1.01
CA ILE B 117 10.17 -7.57 0.37
C ILE B 117 8.77 -7.30 -0.19
N ARG B 118 8.64 -7.46 -1.49
CA ARG B 118 7.35 -7.32 -2.15
C ARG B 118 6.89 -8.70 -2.57
N GLN B 119 5.59 -8.97 -2.42
CA GLN B 119 5.06 -10.29 -2.73
C GLN B 119 3.76 -10.16 -3.52
N GLU B 120 3.46 -11.22 -4.28
CA GLU B 120 2.19 -11.32 -4.99
C GLU B 120 1.77 -12.78 -5.10
N PHE B 121 0.47 -12.99 -5.22
CA PHE B 121 -0.04 -14.31 -5.53
C PHE B 121 0.22 -14.61 -7.00
N VAL B 122 0.81 -15.78 -7.26
CA VAL B 122 0.99 -16.33 -8.60
C VAL B 122 0.51 -17.77 -8.60
N GLU B 123 0.42 -18.35 -9.79
CA GLU B 123 0.14 -19.78 -9.88
C GLU B 123 1.21 -20.55 -9.11
N GLY B 124 0.77 -21.51 -8.29
CA GLY B 124 1.69 -22.24 -7.45
C GLY B 124 2.08 -21.54 -6.16
N GLY B 125 1.47 -20.40 -5.85
CA GLY B 125 1.66 -19.80 -4.55
C GLY B 125 2.00 -18.33 -4.55
N VAL B 126 3.16 -17.98 -4.00
CA VAL B 126 3.59 -16.60 -3.81
C VAL B 126 4.96 -16.39 -4.45
N GLU B 127 5.08 -15.35 -5.23
CA GLU B 127 6.37 -14.90 -5.71
C GLU B 127 6.81 -13.68 -4.89
N SER B 128 8.11 -13.59 -4.66
CA SER B 128 8.71 -12.52 -3.87
C SER B 128 9.80 -11.82 -4.68
N GLN B 129 9.94 -10.52 -4.43
CA GLN B 129 11.12 -9.79 -4.88
C GLN B 129 11.64 -8.99 -3.69
N ALA B 130 12.93 -9.11 -3.43
CA ALA B 130 13.54 -8.47 -2.27
C ALA B 130 14.56 -7.47 -2.76
N VAL B 131 14.58 -6.30 -2.14
CA VAL B 131 15.47 -5.21 -2.53
C VAL B 131 16.14 -4.68 -1.26
N LEU B 132 17.46 -4.76 -1.23
CA LEU B 132 18.26 -4.23 -0.12
C LEU B 132 18.81 -2.89 -0.58
N ALA B 133 18.20 -1.80 -0.10
CA ALA B 133 18.68 -0.46 -0.40
C ALA B 133 19.72 -0.11 0.65
N THR B 134 20.91 0.26 0.21
CA THR B 134 22.00 0.34 1.16
C THR B 134 23.06 1.29 0.62
N VAL B 135 24.26 1.19 1.16
CA VAL B 135 25.35 2.12 0.87
C VAL B 135 26.57 1.31 0.47
N VAL B 136 27.36 1.85 -0.46
CA VAL B 136 28.60 1.22 -0.89
C VAL B 136 29.42 0.82 0.33
N GLY B 137 29.91 -0.43 0.33
CA GLY B 137 30.83 -0.89 1.34
C GLY B 137 30.22 -1.53 2.57
N ARG B 138 28.89 -1.47 2.73
CA ARG B 138 28.24 -2.16 3.84
C ARG B 138 28.48 -3.66 3.74
N PRO B 139 28.40 -4.38 4.88
CA PRO B 139 28.37 -5.85 4.83
C PRO B 139 27.01 -6.34 4.35
N HIS B 140 26.84 -6.43 3.03
CA HIS B 140 25.51 -6.63 2.46
C HIS B 140 24.87 -7.93 2.96
N LEU B 141 25.64 -9.02 2.96
CA LEU B 141 25.08 -10.32 3.32
C LEU B 141 24.65 -10.34 4.78
N GLN B 142 25.46 -9.77 5.67
CA GLN B 142 25.09 -9.74 7.08
C GLN B 142 23.88 -8.82 7.31
N ASP B 143 23.85 -7.65 6.68
CA ASP B 143 22.66 -6.82 6.75
C ASP B 143 21.43 -7.61 6.30
N PHE B 144 21.56 -8.30 5.17
CA PHE B 144 20.44 -9.07 4.64
C PHE B 144 19.97 -10.13 5.61
N LEU B 145 20.89 -10.87 6.23
CA LEU B 145 20.45 -11.94 7.10
C LEU B 145 19.82 -11.39 8.37
N LEU B 146 20.31 -10.24 8.83
CA LEU B 146 19.74 -9.59 10.01
C LEU B 146 18.34 -9.07 9.72
N LEU B 147 18.20 -8.25 8.67
CA LEU B 147 16.90 -7.74 8.27
C LEU B 147 15.96 -8.85 7.83
N LYS B 148 16.46 -9.97 7.30
CA LYS B 148 15.55 -11.07 6.95
C LYS B 148 14.94 -11.71 8.18
N ARG B 149 15.74 -11.89 9.24
CA ARG B 149 15.18 -12.43 10.48
C ARG B 149 14.09 -11.51 11.03
N LYS B 150 14.31 -10.20 10.94
CA LYS B 150 13.28 -9.26 11.34
C LYS B 150 12.00 -9.50 10.55
N HIS B 151 12.13 -9.64 9.23
CA HIS B 151 10.96 -9.87 8.39
C HIS B 151 10.22 -11.13 8.82
N LEU B 152 10.95 -12.23 9.01
CA LEU B 152 10.32 -13.47 9.44
C LEU B 152 9.58 -13.29 10.75
N GLU B 153 10.26 -12.68 11.72
CA GLU B 153 9.70 -12.44 13.03
C GLU B 153 8.54 -11.47 13.00
N TYR B 154 8.50 -10.58 12.01
CA TYR B 154 7.45 -9.60 11.92
C TYR B 154 6.21 -10.13 11.21
N SER B 155 6.37 -11.15 10.38
CA SER B 155 5.35 -11.61 9.46
C SER B 155 4.74 -12.94 9.90
N ASP B 156 5.15 -13.43 11.07
CA ASP B 156 4.78 -14.76 11.58
C ASP B 156 5.46 -15.85 10.76
N TYR B 157 6.71 -15.61 10.39
CA TYR B 157 7.54 -16.60 9.71
C TYR B 157 6.84 -17.28 8.54
N PRO B 158 6.43 -16.52 7.52
CA PRO B 158 5.86 -17.17 6.34
C PRO B 158 6.94 -17.94 5.59
N GLU B 159 6.56 -19.09 5.07
CA GLU B 159 7.51 -19.93 4.36
C GLU B 159 8.09 -19.23 3.14
N SER B 160 7.31 -18.32 2.52
CA SER B 160 7.77 -17.62 1.32
C SER B 160 8.93 -16.68 1.61
N ILE B 161 8.99 -16.07 2.79
CA ILE B 161 10.13 -15.22 3.13
C ILE B 161 11.35 -16.08 3.44
N ASP B 162 11.14 -17.19 4.14
CA ASP B 162 12.29 -18.02 4.51
C ASP B 162 13.00 -18.56 3.29
N LEU B 163 12.28 -18.74 2.17
CA LEU B 163 12.84 -19.25 0.92
C LEU B 163 13.73 -18.25 0.19
N ILE B 164 13.78 -16.99 0.61
CA ILE B 164 14.52 -15.97 -0.13
C ILE B 164 15.99 -16.07 0.23
N GLU B 165 16.83 -16.37 -0.76
CA GLU B 165 18.27 -16.45 -0.56
C GLU B 165 18.93 -15.13 -0.92
N PHE B 166 20.12 -14.90 -0.34
CA PHE B 166 20.85 -13.67 -0.65
C PHE B 166 21.04 -13.49 -2.15
N GLY B 167 21.19 -14.59 -2.90
CA GLY B 167 21.37 -14.46 -4.33
C GLY B 167 20.13 -14.00 -5.07
N ASP B 168 18.96 -14.06 -4.44
CA ASP B 168 17.73 -13.56 -5.05
C ASP B 168 17.53 -12.08 -4.84
N VAL B 169 18.38 -11.42 -4.06
CA VAL B 169 18.13 -10.07 -3.60
C VAL B 169 18.77 -9.08 -4.57
N LYS B 170 18.01 -8.07 -4.98
CA LYS B 170 18.55 -6.93 -5.70
C LYS B 170 19.18 -5.94 -4.73
N VAL B 171 20.49 -5.72 -4.86
CA VAL B 171 21.21 -4.81 -3.97
C VAL B 171 21.41 -3.49 -4.70
N ILE B 172 20.89 -2.42 -4.11
CA ILE B 172 21.00 -1.06 -4.64
C ILE B 172 21.89 -0.29 -3.69
N GLU B 173 23.08 0.07 -4.16
CA GLU B 173 24.08 0.74 -3.35
C GLU B 173 24.04 2.24 -3.63
N LYS B 174 23.63 3.01 -2.65
CA LYS B 174 23.65 4.45 -2.83
C LYS B 174 25.04 4.99 -2.51
N THR B 175 25.40 6.07 -3.19
CA THR B 175 26.60 6.80 -2.84
C THR B 175 26.29 7.82 -1.77
N VAL B 176 27.22 8.01 -0.87
CA VAL B 176 27.15 9.13 0.05
C VAL B 176 27.79 10.33 -0.65
N GLY B 177 27.18 11.49 -0.48
CA GLY B 177 27.74 12.70 -1.03
C GLY B 177 29.14 12.98 -0.49
N HIS B 178 29.84 13.87 -1.19
CA HIS B 178 31.20 14.23 -0.81
C HIS B 178 31.36 15.73 -0.66
N GLY B 179 30.31 16.39 -0.15
CA GLY B 179 30.36 17.81 0.13
C GLY B 179 30.11 18.72 -1.04
N GLN B 180 29.53 18.22 -2.13
CA GLN B 180 29.33 19.07 -3.29
C GLN B 180 28.19 20.06 -3.00
N PRO B 181 28.30 21.31 -3.44
CA PRO B 181 27.13 22.19 -3.41
C PRO B 181 26.05 21.63 -4.33
N VAL B 182 24.81 22.04 -4.10
CA VAL B 182 23.69 21.42 -4.78
C VAL B 182 22.76 22.48 -5.35
N VAL B 183 22.25 22.19 -6.54
CA VAL B 183 21.31 23.05 -7.22
C VAL B 183 19.93 22.41 -7.08
N LEU B 184 18.97 23.21 -6.65
CA LEU B 184 17.58 22.83 -6.62
C LEU B 184 16.95 23.31 -7.92
N TYR B 185 16.33 22.38 -8.66
CA TYR B 185 15.61 22.71 -9.89
C TYR B 185 14.52 21.66 -10.09
N ALA B 187 12.15 20.69 -8.10
CA ALA B 187 11.98 19.89 -6.89
C ALA B 187 13.00 18.76 -6.78
N SER B 188 14.20 18.96 -7.33
CA SER B 188 15.22 17.92 -7.31
C SER B 188 16.58 18.55 -7.03
N LEU B 189 17.40 17.87 -6.25
CA LEU B 189 18.77 18.30 -6.03
C LEU B 189 19.70 17.75 -7.11
N PHE B 190 20.52 18.64 -7.67
CA PHE B 190 21.57 18.29 -8.61
C PHE B 190 22.90 18.59 -7.92
N PRO B 191 23.60 17.59 -7.37
CA PRO B 191 24.93 17.85 -6.82
C PRO B 191 25.91 18.12 -7.95
N ILE B 192 26.58 19.27 -7.89
CA ILE B 192 27.52 19.62 -8.95
C ILE B 192 28.68 18.65 -8.93
N GLY B 193 29.04 18.15 -10.11
CA GLY B 193 30.03 17.10 -10.23
C GLY B 193 29.45 15.71 -10.34
N LEU B 194 28.19 15.53 -9.95
CA LEU B 194 27.49 14.27 -10.13
C LEU B 194 26.46 14.43 -11.26
N THR B 195 26.05 13.29 -11.81
CA THR B 195 25.07 13.25 -12.89
C THR B 195 23.70 12.79 -12.41
N LYS B 196 23.62 12.18 -11.25
CA LYS B 196 22.36 11.81 -10.64
C LYS B 196 21.68 13.02 -10.01
N ILE B 197 20.37 12.91 -9.81
CA ILE B 197 19.61 13.88 -9.04
C ILE B 197 18.99 13.18 -7.86
N ALA B 198 18.51 13.97 -6.91
CA ALA B 198 17.77 13.50 -5.75
C ALA B 198 16.44 14.23 -5.73
N GLU B 199 15.36 13.55 -6.14
CA GLU B 199 14.04 14.16 -6.08
C GLU B 199 13.67 14.46 -4.63
N GLN B 200 13.07 15.61 -4.41
CA GLN B 200 12.64 16.01 -3.08
C GLN B 200 11.12 15.97 -3.01
N GLY B 201 10.62 15.78 -1.80
CA GLY B 201 9.20 15.97 -1.57
C GLY B 201 8.77 17.33 -2.07
N ILE B 202 7.64 17.37 -2.76
CA ILE B 202 7.21 18.61 -3.39
C ILE B 202 6.34 19.46 -2.45
N GLY B 203 5.60 18.82 -1.55
CA GLY B 203 4.78 19.57 -0.61
C GLY B 203 3.63 20.26 -1.32
N CYS B 204 3.44 21.54 -0.98
CA CYS B 204 2.46 22.40 -1.64
C CYS B 204 1.05 21.82 -1.56
N HIS B 205 0.66 21.39 -0.37
CA HIS B 205 -0.64 20.75 -0.20
C HIS B 205 -1.74 21.73 0.22
N ASN B 206 -1.41 22.95 0.59
CA ASN B 206 -2.47 23.92 0.80
C ASN B 206 -2.98 24.43 -0.55
N GLU B 207 -4.11 25.12 -0.47
CA GLU B 207 -4.82 25.52 -1.68
C GLU B 207 -4.01 26.49 -2.51
N LYS B 208 -3.36 27.47 -1.87
CA LYS B 208 -2.66 28.50 -2.62
C LYS B 208 -1.39 27.96 -3.26
N ASN B 209 -0.62 27.15 -2.52
CA ASN B 209 0.60 26.56 -3.09
C ASN B 209 0.30 25.52 -4.14
N ASP B 210 -0.82 24.80 -4.00
CA ASP B 210 -1.28 23.90 -5.06
C ASP B 210 -1.46 24.66 -6.37
N ALA B 211 -2.26 25.74 -6.34
CA ALA B 211 -2.52 26.52 -7.55
C ALA B 211 -1.24 27.15 -8.10
N THR B 212 -0.37 27.65 -7.21
CA THR B 212 0.89 28.25 -7.66
C THR B 212 1.77 27.21 -8.39
N LEU B 213 1.92 26.03 -7.79
CA LEU B 213 2.66 24.94 -8.42
C LEU B 213 2.11 24.65 -9.82
N LYS B 214 0.79 24.49 -9.93
CA LYS B 214 0.20 24.22 -11.24
C LYS B 214 0.49 25.36 -12.20
N SER B 215 0.36 26.60 -11.74
CA SER B 215 0.63 27.74 -12.62
C SER B 215 2.10 27.80 -13.03
N LEU B 216 3.01 27.60 -12.08
CA LEU B 216 4.44 27.73 -12.38
C LEU B 216 4.89 26.67 -13.37
N LEU B 217 4.37 25.44 -13.26
CA LEU B 217 4.77 24.37 -14.19
C LEU B 217 4.40 24.76 -15.61
N LYS B 218 3.14 25.14 -15.84
CA LYS B 218 2.74 25.52 -17.18
C LYS B 218 3.61 26.66 -17.70
N THR B 219 3.94 27.62 -16.83
CA THR B 219 4.79 28.72 -17.24
C THR B 219 6.21 28.25 -17.55
N ALA B 220 6.77 27.38 -16.70
CA ALA B 220 8.12 26.88 -16.96
C ALA B 220 8.20 26.22 -18.32
N ILE B 221 7.17 25.47 -18.71
CA ILE B 221 7.19 24.83 -20.02
C ILE B 221 6.94 25.87 -21.11
N LEU B 222 6.01 26.79 -20.86
CA LEU B 222 5.79 27.91 -21.78
C LEU B 222 7.08 28.71 -22.03
N ASN B 223 7.87 28.94 -20.99
CA ASN B 223 9.12 29.68 -21.14
C ASN B 223 10.12 28.92 -22.02
N THR B 225 11.23 26.87 -25.51
CA THR B 225 10.97 26.50 -26.89
C THR B 225 11.20 25.00 -27.05
N PRO B 226 10.63 24.41 -28.11
CA PRO B 226 10.95 23.01 -28.43
C PRO B 226 12.44 22.73 -28.54
N ASP B 227 13.20 23.60 -29.21
CA ASP B 227 14.64 23.42 -29.24
C ASP B 227 15.24 23.43 -27.83
N ASP B 228 14.79 24.36 -26.99
CA ASP B 228 15.18 24.38 -25.59
C ASP B 228 15.04 22.99 -24.97
N VAL B 229 13.86 22.37 -25.14
CA VAL B 229 13.63 21.06 -24.52
C VAL B 229 14.57 20.01 -25.07
N SER B 230 14.84 20.06 -26.38
CA SER B 230 15.73 19.07 -26.97
C SER B 230 17.19 19.19 -26.49
N LEU B 231 17.55 20.30 -25.86
CA LEU B 231 18.90 20.46 -25.35
C LEU B 231 19.06 20.10 -23.88
N LEU B 232 17.95 19.86 -23.17
CA LEU B 232 18.06 19.60 -21.74
C LEU B 232 18.70 18.24 -21.47
N PRO B 233 19.59 18.16 -20.46
CA PRO B 233 20.13 16.87 -20.05
C PRO B 233 19.05 15.95 -19.50
N ARG B 234 19.34 14.65 -19.54
CA ARG B 234 18.43 13.66 -18.97
C ARG B 234 18.14 13.95 -17.50
N SER B 235 19.14 14.43 -16.77
CA SER B 235 18.94 14.86 -15.38
C SER B 235 17.81 15.87 -15.26
N LYS B 236 17.83 16.93 -16.08
CA LYS B 236 16.80 17.95 -15.96
C LYS B 236 15.43 17.41 -16.36
N LEU B 237 15.41 16.51 -17.36
CA LEU B 237 14.16 15.93 -17.79
C LEU B 237 13.55 15.03 -16.72
N ASP B 238 14.37 14.25 -16.02
CA ASP B 238 13.86 13.46 -14.91
C ASP B 238 13.29 14.35 -13.80
N ALA B 239 13.92 15.49 -13.53
CA ALA B 239 13.38 16.41 -12.53
C ALA B 239 12.04 16.98 -12.97
N ILE B 240 11.94 17.31 -14.26
CA ILE B 240 10.68 17.80 -14.80
C ILE B 240 9.61 16.71 -14.71
N ASP B 241 9.97 15.47 -15.04
CA ASP B 241 9.04 14.34 -14.92
C ASP B 241 8.51 14.22 -13.50
N HIS B 242 9.40 14.34 -12.52
CA HIS B 242 9.03 14.38 -11.11
C HIS B 242 7.88 15.36 -10.87
N VAL B 243 8.00 16.60 -11.33
CA VAL B 243 7.00 17.62 -11.01
C VAL B 243 5.72 17.41 -11.82
N VAL B 244 5.86 17.05 -13.11
CA VAL B 244 4.69 16.84 -13.95
C VAL B 244 3.80 15.76 -13.35
N ARG B 245 4.40 14.63 -12.94
CA ARG B 245 3.58 13.52 -12.45
C ARG B 245 2.88 13.88 -11.14
N ASN B 246 3.56 14.60 -10.24
CA ASN B 246 2.94 15.06 -9.00
C ASN B 246 1.74 15.97 -9.29
N VAL B 247 1.84 16.79 -10.32
CA VAL B 247 0.76 17.71 -10.66
C VAL B 247 -0.44 16.96 -11.25
N TYR B 248 -0.20 16.02 -12.16
CA TYR B 248 -1.37 15.33 -12.73
C TYR B 248 -2.07 14.45 -11.71
N LEU B 249 -1.35 13.99 -10.68
CA LEU B 249 -2.03 13.29 -9.59
C LEU B 249 -2.98 14.19 -8.80
N ARG B 250 -2.94 15.51 -9.00
CA ARG B 250 -3.82 16.44 -8.29
C ARG B 250 -5.10 16.78 -9.06
N PHE B 251 -5.29 16.24 -10.25
CA PHE B 251 -6.44 16.56 -11.08
C PHE B 251 -7.29 15.32 -11.32
N ASN B 252 -8.60 15.52 -11.46
CA ASN B 252 -9.37 14.49 -12.14
C ASN B 252 -9.24 14.68 -13.64
N ASN B 253 -9.80 13.74 -14.41
CA ASN B 253 -9.53 13.72 -15.84
C ASN B 253 -9.99 15.00 -16.50
N SER B 254 -11.16 15.50 -16.13
CA SER B 254 -11.66 16.71 -16.78
C SER B 254 -10.76 17.91 -16.48
N SER B 255 -10.39 18.09 -15.21
CA SER B 255 -9.53 19.21 -14.82
C SER B 255 -8.14 19.10 -15.41
N ALA B 256 -7.63 17.87 -15.56
CA ALA B 256 -6.32 17.71 -16.19
C ALA B 256 -6.34 18.22 -17.62
N VAL B 257 -7.42 17.95 -18.36
CA VAL B 257 -7.51 18.37 -19.75
C VAL B 257 -7.68 19.88 -19.85
N SER B 258 -8.53 20.47 -19.02
CA SER B 258 -8.68 21.92 -19.11
C SER B 258 -7.46 22.65 -18.55
N TYR B 259 -6.68 22.00 -17.68
CA TYR B 259 -5.38 22.55 -17.29
C TYR B 259 -4.53 22.90 -18.51
N GLY B 260 -4.54 22.04 -19.54
CA GLY B 260 -4.09 22.39 -20.88
C GLY B 260 -2.59 22.37 -21.10
N LEU B 261 -1.81 21.88 -20.14
CA LEU B 261 -0.37 21.72 -20.34
C LEU B 261 -0.08 20.82 -21.52
N HIS B 262 -0.93 19.80 -21.74
CA HIS B 262 -0.69 18.83 -22.80
C HIS B 262 -0.76 19.46 -24.19
N LYS B 263 -1.34 20.65 -24.32
CA LYS B 263 -1.59 21.31 -25.59
C LYS B 263 -0.41 22.13 -26.08
N LEU B 264 0.64 22.27 -25.26
CA LEU B 264 1.79 23.10 -25.56
C LEU B 264 2.85 22.35 -26.35
N GLN B 265 3.39 23.03 -27.36
CA GLN B 265 4.47 22.49 -28.18
C GLN B 265 5.59 21.93 -27.33
N SER B 266 6.12 22.75 -26.43
CA SER B 266 7.26 22.34 -25.63
C SER B 266 6.92 21.14 -24.75
N PHE B 267 5.66 20.99 -24.35
CA PHE B 267 5.30 19.80 -23.58
C PHE B 267 5.25 18.57 -24.48
N GLU B 268 4.81 18.72 -25.73
CA GLU B 268 4.83 17.58 -26.64
C GLU B 268 6.25 17.05 -26.81
N LYS B 269 7.24 17.96 -26.85
CA LYS B 269 8.63 17.50 -26.91
C LYS B 269 9.04 16.85 -25.62
N ILE B 270 8.47 17.30 -24.50
CA ILE B 270 8.66 16.61 -23.22
C ILE B 270 8.02 15.23 -23.28
N LEU B 271 6.83 15.13 -23.86
CA LEU B 271 6.17 13.84 -23.95
C LEU B 271 7.02 12.85 -24.73
N GLN B 272 7.66 13.32 -25.81
CA GLN B 272 8.49 12.43 -26.63
C GLN B 272 9.66 11.86 -25.83
N LEU B 273 10.11 12.58 -24.80
CA LEU B 273 11.31 12.18 -24.05
C LEU B 273 10.99 11.48 -22.73
N ASN B 274 9.84 11.77 -22.10
CA ASN B 274 9.51 11.17 -20.82
C ASN B 274 8.33 10.20 -20.87
N GLY B 275 7.62 10.09 -21.99
CA GLY B 275 6.46 9.24 -22.08
C GLY B 275 5.16 10.04 -22.07
N ARG B 276 4.08 9.35 -22.45
CA ARG B 276 2.76 9.97 -22.63
C ARG B 276 1.73 9.53 -21.62
N ILE B 277 2.01 8.50 -20.82
CA ILE B 277 1.05 7.95 -19.86
C ILE B 277 1.23 8.70 -18.54
N TYR B 278 0.14 9.30 -18.04
CA TYR B 278 0.13 10.06 -16.80
C TYR B 278 -1.04 9.63 -15.95
N GLU B 279 -0.74 9.08 -14.77
CA GLU B 279 -1.80 8.81 -13.81
C GLU B 279 -2.36 10.11 -13.28
N THR B 280 -3.68 10.17 -13.17
CA THR B 280 -4.38 11.29 -12.58
C THR B 280 -5.04 10.85 -11.29
N LYS B 281 -5.71 11.80 -10.64
CA LYS B 281 -6.50 11.46 -9.47
C LYS B 281 -7.69 10.59 -9.84
N GLU B 282 -8.16 10.65 -11.09
CA GLU B 282 -9.35 9.93 -11.50
C GLU B 282 -9.02 8.58 -12.13
N SER B 283 -8.12 8.57 -13.12
CA SER B 283 -7.67 7.30 -13.69
C SER B 283 -6.29 7.44 -14.30
N THR B 284 -6.22 7.41 -15.63
CA THR B 284 -4.94 7.48 -16.33
C THR B 284 -5.23 8.06 -17.71
N LEU B 285 -4.43 9.04 -18.12
CA LEU B 285 -4.55 9.61 -19.45
C LEU B 285 -3.32 9.28 -20.26
N VAL B 286 -3.50 9.24 -21.58
CA VAL B 286 -2.38 9.19 -22.52
C VAL B 286 -2.46 10.43 -23.39
N PHE B 287 -1.41 11.25 -23.37
CA PHE B 287 -1.43 12.50 -24.14
C PHE B 287 -0.81 12.20 -25.50
N HIS B 288 -1.63 11.76 -26.45
CA HIS B 288 -1.12 11.23 -27.71
C HIS B 288 -1.00 12.31 -28.77
N HIS B 289 0.07 12.22 -29.58
CA HIS B 289 0.35 13.23 -30.59
C HIS B 289 -0.45 13.03 -31.86
N LYS B 290 -0.96 11.82 -32.11
CA LYS B 290 -1.82 11.54 -33.25
C LYS B 290 -3.29 11.50 -32.87
N LYS B 291 -3.63 10.73 -31.84
CA LYS B 291 -5.02 10.46 -31.48
C LYS B 291 -5.63 11.51 -30.56
N GLY B 292 -4.82 12.34 -29.93
CA GLY B 292 -5.32 13.30 -28.96
C GLY B 292 -5.22 12.77 -27.55
N VAL B 293 -6.07 13.31 -26.69
CA VAL B 293 -6.13 12.85 -25.30
C VAL B 293 -6.92 11.55 -25.24
N LEU B 294 -6.30 10.53 -24.66
CA LEU B 294 -6.91 9.22 -24.50
C LEU B 294 -7.05 8.92 -23.01
N VAL B 295 -7.98 8.03 -22.69
CA VAL B 295 -8.24 7.68 -21.30
C VAL B 295 -8.24 6.15 -21.16
N GLU B 296 -7.62 5.67 -20.10
CA GLU B 296 -7.68 4.26 -19.74
C GLU B 296 -9.11 3.74 -19.85
N ASP B 297 -9.25 2.58 -20.47
CA ASP B 297 -10.56 2.02 -20.72
C ASP B 297 -10.33 0.55 -21.05
N LEU B 298 -10.78 -0.35 -20.16
CA LEU B 298 -10.57 -1.76 -20.42
C LEU B 298 -11.30 -2.21 -21.68
N LYS B 299 -12.31 -1.46 -22.12
CA LYS B 299 -13.02 -1.76 -23.35
C LYS B 299 -12.37 -1.16 -24.59
N GLY B 300 -11.18 -0.57 -24.44
CA GLY B 300 -10.65 0.30 -25.48
C GLY B 300 -10.22 -0.50 -26.71
N LEU B 301 -10.49 0.08 -27.87
CA LEU B 301 -10.06 -0.49 -29.14
C LEU B 301 -8.64 -0.07 -29.50
N SER B 303 -4.49 0.37 -27.98
CA SER B 303 -3.56 0.14 -26.88
C SER B 303 -2.34 1.03 -27.09
N TYR B 304 -1.90 1.65 -26.00
CA TYR B 304 -0.68 2.45 -25.99
C TYR B 304 0.26 1.79 -24.99
N LYS B 305 1.36 1.23 -25.48
CA LYS B 305 2.29 0.46 -24.65
C LYS B 305 1.53 -0.53 -23.77
N THR B 306 0.58 -1.23 -24.38
CA THR B 306 -0.28 -2.28 -23.84
C THR B 306 -1.42 -1.75 -22.95
N LEU B 307 -1.44 -0.47 -22.59
CA LEU B 307 -2.60 0.06 -21.88
C LEU B 307 -3.75 0.23 -22.87
N ARG B 308 -4.89 -0.39 -22.58
CA ARG B 308 -6.08 -0.20 -23.41
C ARG B 308 -6.69 1.16 -23.15
N VAL B 309 -6.90 1.94 -24.21
CA VAL B 309 -7.41 3.28 -24.03
C VAL B 309 -8.53 3.54 -25.03
N SER B 310 -9.30 4.59 -24.74
CA SER B 310 -10.30 5.16 -25.62
C SER B 310 -10.05 6.66 -25.72
N GLU B 311 -10.72 7.31 -26.67
CA GLU B 311 -10.59 8.76 -26.78
C GLU B 311 -11.31 9.43 -25.62
N TRP B 312 -10.68 10.44 -25.04
CA TRP B 312 -11.29 11.09 -23.91
C TRP B 312 -12.39 12.05 -24.39
N ARG B 313 -13.45 12.16 -23.57
CA ARG B 313 -14.58 13.04 -23.87
C ARG B 313 -15.13 13.55 -22.55
N GLU B 314 -15.66 14.77 -22.56
CA GLU B 314 -16.28 15.31 -21.36
C GLU B 314 -17.43 14.40 -20.93
N LYS B 315 -17.57 14.22 -19.61
CA LYS B 315 -18.75 13.54 -19.09
C LYS B 315 -20.00 14.28 -19.54
N GLN B 316 -20.98 13.54 -20.07
CA GLN B 316 -22.26 14.10 -20.46
C GLN B 316 -23.39 13.39 -19.73
N GLU B 317 -24.53 14.05 -19.65
CA GLU B 317 -25.66 13.43 -18.98
C GLU B 317 -26.42 12.41 -19.85
N PRO B 318 -26.51 12.58 -21.18
CA PRO B 318 -27.21 11.56 -22.00
C PRO B 318 -26.48 10.23 -22.12
N GLU B 319 -25.19 10.17 -21.77
CA GLU B 319 -24.56 8.87 -21.52
C GLU B 319 -24.88 8.38 -20.12
N GLU B 320 -24.90 9.31 -19.14
CA GLU B 320 -25.16 8.96 -17.74
C GLU B 320 -26.56 8.41 -17.54
N ALA B 321 -27.57 9.09 -18.09
CA ALA B 321 -28.96 8.67 -17.88
C ALA B 321 -29.23 7.26 -18.40
N ARG B 322 -28.38 6.75 -19.29
CA ARG B 322 -28.53 5.40 -19.84
C ARG B 322 -27.77 4.35 -19.04
N VAL B 323 -27.14 4.72 -17.92
CA VAL B 323 -26.45 3.73 -17.10
C VAL B 323 -27.49 2.82 -16.46
N GLU B 324 -27.36 1.51 -16.70
CA GLU B 324 -28.35 0.54 -16.24
C GLU B 324 -28.09 0.23 -14.77
N VAL B 325 -29.03 0.62 -13.91
CA VAL B 325 -28.96 0.26 -12.50
C VAL B 325 -29.35 -1.21 -12.38
N LEU B 326 -28.47 -2.02 -11.79
CA LEU B 326 -28.65 -3.46 -11.74
C LEU B 326 -29.34 -3.88 -10.46
N GLU B 327 -30.16 -4.93 -10.58
CA GLU B 327 -30.73 -5.60 -9.42
C GLU B 327 -29.64 -6.12 -8.50
N GLU B 328 -29.84 -5.92 -7.20
CA GLU B 328 -28.86 -6.38 -6.21
C GLU B 328 -28.77 -7.89 -6.11
#